data_6Z72
#
_entry.id   6Z72
#
_cell.length_a   59.811
_cell.length_b   83.126
_cell.length_c   84.276
_cell.angle_alpha   90.000
_cell.angle_beta   94.410
_cell.angle_gamma   90.000
#
_symmetry.space_group_name_H-M   'P 1 21 1'
#
loop_
_entity.id
_entity.type
_entity.pdbx_description
1 polymer 'Replicase polyprotein 1ab'
2 non-polymer 'Adenosine Diphosphate (Hydroxymethyl)pyrrolidine monoalcohol'
3 non-polymer 1,2-ETHANEDIOL
4 non-polymer 'SODIUM ION'
5 non-polymer D-MALATE
6 water water
#
_entity_poly.entity_id   1
_entity_poly.type   'polypeptide(L)'
_entity_poly.pdbx_seq_one_letter_code
;GPEVNSFSGYLKLTDNVYIKNADIVEEAKKVKPTVVVNAANVYLKHGGGVAGALNKATNNAMQVESDDYIATNGPLKVGG
SCVLSGHNLAKHCLHVVGPNVNKGEDIQLLKSAYENFNQHEVLLAPLLSAGIFGADPIHSLRVCVDTVRTNVYLAVFDKN
LYDKLVSSFLEMKSEK
;
_entity_poly.pdbx_strand_id   A,B,C,D
#
# COMPACT_ATOMS: atom_id res chain seq x y z
N GLU A 3 -4.73 14.31 -8.73
CA GLU A 3 -5.11 15.65 -9.17
C GLU A 3 -4.12 16.19 -10.22
N VAL A 4 -2.93 16.58 -9.75
CA VAL A 4 -1.88 16.98 -10.66
C VAL A 4 -1.17 15.75 -11.22
N ASN A 5 -0.57 15.93 -12.39
CA ASN A 5 0.25 14.92 -13.06
C ASN A 5 -0.51 13.60 -13.29
N SER A 6 -1.77 13.69 -13.73
CA SER A 6 -2.57 12.49 -14.01
C SER A 6 -2.48 12.11 -15.49
N PHE A 7 -1.28 11.65 -15.89
CA PHE A 7 -1.06 11.19 -17.26
C PHE A 7 -1.67 9.84 -17.53
N SER A 8 -2.28 9.69 -18.70
CA SER A 8 -2.87 8.43 -19.12
C SER A 8 -2.68 8.19 -20.61
N GLY A 9 -2.61 6.92 -20.99
CA GLY A 9 -2.50 6.53 -22.40
C GLY A 9 -1.16 6.68 -23.07
N TYR A 10 -0.07 6.72 -22.31
CA TYR A 10 1.28 6.81 -22.83
C TYR A 10 1.88 5.44 -23.09
N LEU A 11 2.80 5.41 -24.06
CA LEU A 11 3.61 4.24 -24.35
C LEU A 11 4.95 4.39 -23.64
N LYS A 12 5.34 3.38 -22.87
CA LYS A 12 6.59 3.44 -22.11
C LYS A 12 7.77 3.04 -23.01
N LEU A 13 8.69 3.97 -23.22
CA LEU A 13 9.87 3.71 -24.04
C LEU A 13 11.04 3.21 -23.18
N THR A 14 11.29 3.88 -22.05
CA THR A 14 12.28 3.50 -21.05
C THR A 14 11.59 3.66 -19.69
N ASP A 15 12.36 3.50 -18.61
CA ASP A 15 11.80 3.66 -17.27
C ASP A 15 11.38 5.10 -16.99
N ASN A 16 11.87 6.05 -17.77
CA ASN A 16 11.54 7.42 -17.48
C ASN A 16 11.10 8.23 -18.70
N VAL A 17 11.01 7.64 -19.88
CA VAL A 17 10.56 8.36 -21.06
C VAL A 17 9.29 7.70 -21.59
N TYR A 18 8.25 8.51 -21.76
CA TYR A 18 6.94 8.08 -22.21
C TYR A 18 6.55 8.93 -23.41
N ILE A 19 5.69 8.37 -24.28
CA ILE A 19 5.30 9.08 -25.49
C ILE A 19 3.81 8.81 -25.78
N LYS A 20 3.14 9.82 -26.33
CA LYS A 20 1.72 9.77 -26.67
C LYS A 20 1.43 10.62 -27.91
N ASN A 21 0.52 10.12 -28.77
CA ASN A 21 0.06 10.87 -29.95
C ASN A 21 -1.03 11.78 -29.42
N ALA A 22 -0.65 13.00 -29.08
CA ALA A 22 -1.56 13.97 -28.49
C ALA A 22 -1.04 15.40 -28.71
N ASP A 23 -1.96 16.34 -28.64
CA ASP A 23 -1.58 17.74 -28.67
C ASP A 23 -1.10 18.16 -27.28
N ILE A 24 0.01 18.90 -27.19
CA ILE A 24 0.59 19.18 -25.88
C ILE A 24 -0.31 20.09 -25.04
N VAL A 25 -1.04 21.00 -25.70
CA VAL A 25 -1.96 21.89 -24.99
C VAL A 25 -3.13 21.10 -24.44
N GLU A 26 -3.67 20.17 -25.23
CA GLU A 26 -4.78 19.37 -24.72
C GLU A 26 -4.32 18.52 -23.55
N GLU A 27 -3.11 17.96 -23.63
CA GLU A 27 -2.60 17.18 -22.51
C GLU A 27 -2.50 18.03 -21.26
N ALA A 28 -1.92 19.23 -21.37
CA ALA A 28 -1.77 20.10 -20.20
C ALA A 28 -3.13 20.44 -19.58
N LYS A 29 -4.13 20.74 -20.42
CA LYS A 29 -5.46 21.04 -19.91
C LYS A 29 -6.09 19.85 -19.22
N LYS A 30 -5.78 18.64 -19.68
CA LYS A 30 -6.34 17.47 -19.04
C LYS A 30 -5.59 17.13 -17.77
N VAL A 31 -4.27 17.25 -17.80
CA VAL A 31 -3.44 16.71 -16.73
C VAL A 31 -3.19 17.72 -15.61
N LYS A 32 -3.18 19.01 -15.94
CA LYS A 32 -2.77 20.05 -15.01
C LYS A 32 -1.40 19.67 -14.44
N PRO A 33 -0.37 19.60 -15.28
CA PRO A 33 0.93 19.09 -14.81
C PRO A 33 1.68 20.14 -14.00
N THR A 34 2.63 19.64 -13.21
CA THR A 34 3.51 20.53 -12.46
C THR A 34 4.40 21.33 -13.39
N VAL A 35 4.95 20.69 -14.42
CA VAL A 35 5.82 21.35 -15.38
C VAL A 35 5.38 20.94 -16.79
N VAL A 36 5.16 21.94 -17.64
CA VAL A 36 5.08 21.73 -19.08
C VAL A 36 6.30 22.40 -19.70
N VAL A 37 6.83 21.78 -20.76
CA VAL A 37 8.01 22.29 -21.45
C VAL A 37 7.60 23.04 -22.68
N ASN A 38 8.15 24.25 -22.85
CA ASN A 38 8.01 24.99 -24.08
C ASN A 38 9.31 24.87 -24.89
N ALA A 39 9.18 24.67 -26.20
CA ALA A 39 10.31 24.68 -27.13
C ALA A 39 10.48 26.10 -27.66
N ALA A 40 11.46 26.82 -27.11
CA ALA A 40 11.53 28.27 -27.17
C ALA A 40 12.69 28.73 -28.03
N ASN A 41 12.70 30.02 -28.31
CA ASN A 41 13.90 30.67 -28.81
C ASN A 41 14.48 31.54 -27.71
N VAL A 42 15.69 32.06 -27.93
CA VAL A 42 16.44 32.70 -26.85
C VAL A 42 15.79 34.00 -26.39
N TYR A 43 14.93 34.59 -27.21
CA TYR A 43 14.24 35.82 -26.89
C TYR A 43 12.80 35.59 -26.40
N LEU A 44 12.40 34.34 -26.19
CA LEU A 44 11.06 34.00 -25.70
C LEU A 44 9.96 34.68 -26.54
N LYS A 45 10.18 34.70 -27.86
CA LYS A 45 9.19 35.20 -28.82
C LYS A 45 8.37 34.03 -29.37
N HIS A 46 7.19 33.85 -28.79
CA HIS A 46 6.34 32.67 -29.05
C HIS A 46 5.58 32.75 -30.38
N GLY A 47 6.28 32.56 -31.49
CA GLY A 47 5.65 32.61 -32.82
C GLY A 47 5.53 31.24 -33.48
N GLY A 48 4.39 30.60 -33.33
CA GLY A 48 4.28 29.31 -34.02
C GLY A 48 4.81 28.14 -33.25
N GLY A 49 4.46 26.97 -33.74
CA GLY A 49 4.81 25.70 -33.11
C GLY A 49 4.16 25.56 -31.77
N VAL A 50 4.78 24.73 -30.96
CA VAL A 50 4.38 24.53 -29.57
C VAL A 50 4.32 25.85 -28.83
N ALA A 51 5.31 26.72 -29.06
CA ALA A 51 5.39 27.98 -28.33
C ALA A 51 4.15 28.83 -28.58
N GLY A 52 3.73 28.93 -29.84
CA GLY A 52 2.51 29.66 -30.16
C GLY A 52 1.25 29.02 -29.59
N ALA A 53 1.20 27.69 -29.62
CA ALA A 53 0.05 26.97 -29.06
C ALA A 53 -0.11 27.25 -27.57
N LEU A 54 0.97 27.11 -26.80
CA LEU A 54 0.87 27.36 -25.37
C LEU A 54 0.48 28.82 -25.10
N ASN A 55 1.07 29.75 -25.82
CA ASN A 55 0.81 31.16 -25.52
C ASN A 55 -0.65 31.49 -25.80
N LYS A 56 -1.16 31.04 -26.96
CA LYS A 56 -2.57 31.27 -27.27
C LYS A 56 -3.49 30.68 -26.21
N ALA A 57 -3.16 29.50 -25.68
CA ALA A 57 -4.00 28.91 -24.65
C ALA A 57 -3.95 29.69 -23.35
N THR A 58 -2.90 30.47 -23.13
CA THR A 58 -2.85 31.34 -21.99
C THR A 58 -3.39 32.71 -22.29
N ASN A 59 -4.00 32.88 -23.46
CA ASN A 59 -4.58 34.15 -23.88
C ASN A 59 -3.55 35.27 -23.88
N ASN A 60 -2.33 34.95 -24.29
CA ASN A 60 -1.16 35.81 -24.46
C ASN A 60 -0.47 36.18 -23.14
N ALA A 61 -0.92 35.65 -21.99
CA ALA A 61 -0.23 35.93 -20.74
C ALA A 61 1.23 35.46 -20.77
N MET A 62 1.48 34.31 -21.38
CA MET A 62 2.85 33.80 -21.45
C MET A 62 3.78 34.77 -22.18
N GLN A 63 3.32 35.39 -23.28
CA GLN A 63 4.17 36.29 -24.03
C GLN A 63 4.50 37.56 -23.26
N VAL A 64 3.52 38.12 -22.55
CA VAL A 64 3.77 39.32 -21.76
C VAL A 64 4.76 39.03 -20.65
N GLU A 65 4.58 37.91 -19.94
CA GLU A 65 5.52 37.52 -18.90
C GLU A 65 6.92 37.34 -19.45
N SER A 66 7.02 36.71 -20.61
CA SER A 66 8.32 36.49 -21.24
C SER A 66 9.00 37.80 -21.61
N ASP A 67 8.23 38.73 -22.18
CA ASP A 67 8.78 40.04 -22.49
C ASP A 67 9.33 40.71 -21.25
N ASP A 68 8.59 40.62 -20.14
CA ASP A 68 9.07 41.18 -18.88
C ASP A 68 10.34 40.48 -18.38
N TYR A 69 10.37 39.14 -18.46
CA TYR A 69 11.57 38.39 -18.09
C TYR A 69 12.76 38.83 -18.92
N ILE A 70 12.59 38.91 -20.24
CA ILE A 70 13.70 39.25 -21.12
C ILE A 70 14.18 40.67 -20.84
N ALA A 71 13.26 41.60 -20.60
CA ALA A 71 13.65 42.98 -20.34
C ALA A 71 14.54 43.08 -19.11
N THR A 72 14.25 42.27 -18.09
CA THR A 72 15.02 42.33 -16.84
C THR A 72 16.33 41.57 -16.96
N ASN A 73 16.31 40.45 -17.68
CA ASN A 73 17.39 39.49 -17.58
C ASN A 73 18.15 39.29 -18.88
N GLY A 74 17.59 39.71 -20.02
CA GLY A 74 18.24 39.46 -21.28
C GLY A 74 17.95 38.07 -21.80
N PRO A 75 18.35 37.82 -23.03
CA PRO A 75 18.03 36.54 -23.69
C PRO A 75 18.66 35.35 -22.99
N LEU A 76 18.06 34.19 -23.23
CA LEU A 76 18.62 32.93 -22.83
C LEU A 76 19.83 32.58 -23.70
N LYS A 77 20.58 31.57 -23.29
CA LYS A 77 21.60 31.00 -24.16
C LYS A 77 21.02 29.78 -24.85
N VAL A 78 21.54 29.45 -26.03
CA VAL A 78 21.11 28.22 -26.68
C VAL A 78 21.52 27.04 -25.79
N GLY A 79 20.61 26.09 -25.59
CA GLY A 79 20.84 25.03 -24.63
C GLY A 79 20.37 25.36 -23.22
N GLY A 80 19.95 26.60 -23.00
CA GLY A 80 19.54 27.07 -21.69
C GLY A 80 18.03 27.00 -21.49
N SER A 81 17.61 27.43 -20.30
CA SER A 81 16.21 27.35 -19.91
C SER A 81 15.92 28.43 -18.88
N CYS A 82 14.64 28.68 -18.67
CA CYS A 82 14.20 29.46 -17.51
C CYS A 82 12.85 28.94 -17.10
N VAL A 83 12.56 29.04 -15.80
CA VAL A 83 11.28 28.62 -15.24
C VAL A 83 10.40 29.85 -15.07
N LEU A 84 9.23 29.85 -15.74
CA LEU A 84 8.23 30.91 -15.54
C LEU A 84 6.89 30.28 -15.16
N SER A 85 5.85 31.10 -15.10
CA SER A 85 4.53 30.60 -14.74
C SER A 85 3.96 29.71 -15.84
N GLY A 86 3.24 28.67 -15.42
CA GLY A 86 2.42 27.91 -16.34
C GLY A 86 1.02 28.44 -16.55
N HIS A 87 0.67 29.54 -15.89
CA HIS A 87 -0.59 30.22 -16.10
C HIS A 87 -1.73 29.22 -15.90
N ASN A 88 -2.69 29.12 -16.82
CA ASN A 88 -3.81 28.21 -16.68
C ASN A 88 -3.52 26.77 -17.10
N LEU A 89 -2.32 26.47 -17.62
CA LEU A 89 -2.05 25.14 -18.17
C LEU A 89 -1.27 24.24 -17.24
N ALA A 90 -0.45 24.82 -16.37
CA ALA A 90 0.44 24.05 -15.52
C ALA A 90 0.86 24.97 -14.39
N LYS A 91 1.47 24.37 -13.37
CA LYS A 91 2.03 25.20 -12.30
C LYS A 91 3.19 26.04 -12.82
N HIS A 92 4.12 25.41 -13.53
CA HIS A 92 5.30 26.05 -14.06
C HIS A 92 5.42 25.72 -15.53
N CYS A 93 6.07 26.63 -16.27
CA CYS A 93 6.49 26.36 -17.63
C CYS A 93 8.00 26.43 -17.70
N LEU A 94 8.62 25.34 -18.13
CA LEU A 94 10.06 25.31 -18.35
C LEU A 94 10.29 25.65 -19.82
N HIS A 95 10.77 26.85 -20.07
CA HIS A 95 11.13 27.28 -21.41
C HIS A 95 12.54 26.80 -21.71
N VAL A 96 12.70 25.93 -22.72
CA VAL A 96 14.00 25.39 -23.08
C VAL A 96 14.30 25.79 -24.52
N VAL A 97 15.53 26.22 -24.78
CA VAL A 97 15.93 26.65 -26.11
C VAL A 97 16.82 25.57 -26.70
N GLY A 98 16.27 24.79 -27.63
CA GLY A 98 17.06 23.88 -28.43
C GLY A 98 17.78 24.65 -29.51
N PRO A 99 18.81 24.06 -30.10
CA PRO A 99 19.49 24.73 -31.22
C PRO A 99 18.59 24.83 -32.45
N ASN A 100 18.70 25.97 -33.14
CA ASN A 100 18.04 26.24 -34.43
C ASN A 100 19.00 25.79 -35.54
N VAL A 101 18.86 24.54 -35.98
CA VAL A 101 19.76 24.00 -37.00
C VAL A 101 19.62 24.74 -38.33
N ASN A 102 18.44 25.32 -38.60
CA ASN A 102 18.23 26.10 -39.81
C ASN A 102 19.08 27.37 -39.82
N LYS A 103 19.45 27.89 -38.65
CA LYS A 103 20.34 29.03 -38.56
C LYS A 103 21.79 28.62 -38.32
N GLY A 104 22.11 27.34 -38.53
CA GLY A 104 23.46 26.85 -38.39
C GLY A 104 23.98 26.72 -36.98
N GLU A 105 23.11 26.71 -35.99
CA GLU A 105 23.55 26.45 -34.62
C GLU A 105 23.93 24.99 -34.43
N ASP A 106 24.78 24.75 -33.42
CA ASP A 106 25.43 23.46 -33.22
C ASP A 106 24.41 22.43 -32.71
N ILE A 107 24.16 21.38 -33.49
CA ILE A 107 23.22 20.34 -33.05
C ILE A 107 23.60 19.65 -31.74
N GLN A 108 24.89 19.63 -31.36
CA GLN A 108 25.25 19.00 -30.10
C GLN A 108 24.65 19.70 -28.89
N LEU A 109 24.23 20.96 -29.04
CA LEU A 109 23.59 21.70 -27.96
C LEU A 109 22.22 21.17 -27.59
N LEU A 110 21.64 20.26 -28.38
CA LEU A 110 20.40 19.61 -27.98
C LEU A 110 20.59 18.76 -26.72
N LYS A 111 21.79 18.20 -26.52
CA LYS A 111 22.04 17.52 -25.26
C LYS A 111 21.94 18.49 -24.09
N SER A 112 22.48 19.70 -24.25
CA SER A 112 22.37 20.71 -23.19
C SER A 112 20.92 21.07 -22.92
N ALA A 113 20.10 21.18 -23.99
CA ALA A 113 18.70 21.55 -23.82
C ALA A 113 17.97 20.54 -22.97
N TYR A 114 18.06 19.26 -23.35
CA TYR A 114 17.39 18.21 -22.57
C TYR A 114 17.96 18.06 -21.17
N GLU A 115 19.25 18.35 -20.97
CA GLU A 115 19.80 18.30 -19.61
C GLU A 115 18.96 19.12 -18.63
N ASN A 116 18.36 20.22 -19.10
CA ASN A 116 17.53 21.05 -18.22
C ASN A 116 16.37 20.26 -17.65
N PHE A 117 15.92 19.22 -18.36
CA PHE A 117 14.82 18.41 -17.86
C PHE A 117 15.16 17.72 -16.56
N ASN A 118 16.45 17.53 -16.28
CA ASN A 118 16.85 16.73 -15.12
C ASN A 118 16.70 17.46 -13.80
N GLN A 119 16.32 18.73 -13.79
CA GLN A 119 16.03 19.46 -12.55
C GLN A 119 14.56 19.41 -12.13
N HIS A 120 13.75 18.56 -12.76
CA HIS A 120 12.32 18.45 -12.49
C HIS A 120 11.87 17.00 -12.47
N GLU A 121 11.11 16.63 -11.44
CA GLU A 121 10.71 15.24 -11.26
C GLU A 121 9.89 14.72 -12.44
N VAL A 122 8.96 15.52 -12.94
CA VAL A 122 8.10 15.10 -14.05
C VAL A 122 7.78 16.30 -14.93
N LEU A 123 7.80 16.08 -16.24
CA LEU A 123 7.53 17.14 -17.21
C LEU A 123 6.71 16.56 -18.35
N LEU A 124 5.79 17.38 -18.84
CA LEU A 124 5.17 17.23 -20.14
C LEU A 124 5.95 18.07 -21.15
N ALA A 125 6.40 17.44 -22.24
CA ALA A 125 7.36 18.09 -23.12
C ALA A 125 7.10 17.72 -24.57
N PRO A 126 7.50 18.60 -25.53
CA PRO A 126 7.56 18.21 -26.94
C PRO A 126 8.96 17.74 -27.34
N LEU A 127 9.14 17.33 -28.59
CA LEU A 127 10.48 17.00 -29.07
C LEU A 127 11.21 18.28 -29.47
N LEU A 128 12.22 18.64 -28.69
CA LEU A 128 12.89 19.92 -28.88
C LEU A 128 13.62 19.92 -30.22
N SER A 129 13.62 21.09 -30.88
CA SER A 129 14.32 21.38 -32.13
C SER A 129 13.85 20.53 -33.32
N ALA A 130 12.74 19.81 -33.21
CA ALA A 130 12.34 18.93 -34.30
C ALA A 130 11.36 19.56 -35.27
N GLY A 131 10.92 20.79 -35.03
CA GLY A 131 9.99 21.43 -35.94
C GLY A 131 10.60 22.60 -36.67
N ILE A 132 10.30 23.81 -36.18
CA ILE A 132 10.79 25.04 -36.81
C ILE A 132 12.30 25.14 -36.79
N PHE A 133 12.94 24.54 -35.78
CA PHE A 133 14.39 24.60 -35.65
C PHE A 133 15.14 23.56 -36.49
N GLY A 134 14.42 22.65 -37.14
CA GLY A 134 14.99 21.87 -38.21
C GLY A 134 15.82 20.68 -37.78
N ALA A 135 15.76 20.26 -36.53
CA ALA A 135 16.43 19.04 -36.15
C ALA A 135 15.60 17.83 -36.56
N ASP A 136 16.28 16.73 -36.80
CA ASP A 136 15.64 15.45 -37.11
C ASP A 136 14.83 14.98 -35.89
N PRO A 137 13.53 14.73 -36.05
CA PRO A 137 12.73 14.30 -34.88
C PRO A 137 13.28 13.05 -34.21
N ILE A 138 13.81 12.11 -34.99
CA ILE A 138 14.32 10.86 -34.44
C ILE A 138 15.58 11.12 -33.62
N HIS A 139 16.45 11.99 -34.13
CA HIS A 139 17.63 12.37 -33.36
C HIS A 139 17.24 13.06 -32.06
N SER A 140 16.19 13.89 -32.09
CA SER A 140 15.74 14.56 -30.87
C SER A 140 15.25 13.55 -29.85
N LEU A 141 14.58 12.51 -30.31
CA LEU A 141 14.13 11.46 -29.40
C LEU A 141 15.32 10.72 -28.83
N ARG A 142 16.34 10.48 -29.66
CA ARG A 142 17.51 9.78 -29.18
C ARG A 142 18.21 10.57 -28.08
N VAL A 143 18.36 11.88 -28.27
CA VAL A 143 19.03 12.69 -27.27
C VAL A 143 18.20 12.74 -25.99
N CYS A 144 16.87 12.88 -26.14
CA CYS A 144 15.99 12.85 -24.98
C CYS A 144 16.20 11.56 -24.20
N VAL A 145 16.15 10.43 -24.89
CA VAL A 145 16.23 9.14 -24.23
C VAL A 145 17.60 8.96 -23.57
N ASP A 146 18.66 9.48 -24.17
CA ASP A 146 20.02 9.31 -23.66
C ASP A 146 20.38 10.29 -22.55
N THR A 147 19.67 11.40 -22.44
CA THR A 147 20.02 12.50 -21.54
C THR A 147 19.12 12.57 -20.31
N VAL A 148 17.82 12.39 -20.48
CA VAL A 148 16.87 12.62 -19.39
C VAL A 148 16.82 11.41 -18.48
N ARG A 149 16.99 11.67 -17.17
CA ARG A 149 16.86 10.66 -16.13
C ARG A 149 15.57 10.80 -15.34
N THR A 150 14.88 11.94 -15.43
CA THR A 150 13.60 12.14 -14.77
C THR A 150 12.45 11.72 -15.71
N ASN A 151 11.23 11.80 -15.19
CA ASN A 151 10.05 11.27 -15.89
C ASN A 151 9.62 12.32 -16.90
N VAL A 152 9.77 12.02 -18.18
CA VAL A 152 9.43 12.94 -19.24
C VAL A 152 8.31 12.33 -20.07
N TYR A 153 7.19 13.04 -20.18
CA TYR A 153 6.06 12.62 -20.98
C TYR A 153 6.00 13.44 -22.27
N LEU A 154 6.28 12.79 -23.39
CA LEU A 154 6.41 13.45 -24.67
C LEU A 154 5.08 13.40 -25.42
N ALA A 155 4.62 14.58 -25.85
CA ALA A 155 3.41 14.76 -26.65
C ALA A 155 3.79 15.01 -28.12
N VAL A 156 3.42 14.07 -29.01
CA VAL A 156 3.66 14.15 -30.46
C VAL A 156 2.33 14.18 -31.17
N PHE A 157 1.92 15.36 -31.69
CA PHE A 157 0.53 15.49 -32.12
C PHE A 157 0.26 14.81 -33.46
N ASP A 158 1.27 14.68 -34.33
CA ASP A 158 1.07 14.10 -35.66
C ASP A 158 1.18 12.58 -35.61
N LYS A 159 0.12 11.88 -36.01
CA LYS A 159 0.07 10.44 -35.89
C LYS A 159 1.10 9.75 -36.77
N ASN A 160 1.35 10.29 -37.97
CA ASN A 160 2.35 9.70 -38.84
C ASN A 160 3.75 9.83 -38.26
N LEU A 161 4.07 11.00 -37.68
CA LEU A 161 5.37 11.17 -37.02
C LEU A 161 5.50 10.25 -35.82
N TYR A 162 4.43 10.11 -35.03
CA TYR A 162 4.45 9.23 -33.87
C TYR A 162 4.82 7.82 -34.30
N ASP A 163 4.13 7.30 -35.31
CA ASP A 163 4.40 5.94 -35.74
C ASP A 163 5.84 5.78 -36.23
N LYS A 164 6.36 6.78 -36.95
CA LYS A 164 7.75 6.72 -37.39
C LYS A 164 8.72 6.75 -36.21
N LEU A 165 8.44 7.58 -35.21
CA LEU A 165 9.35 7.68 -34.06
C LEU A 165 9.39 6.38 -33.27
N VAL A 166 8.23 5.80 -32.99
CA VAL A 166 8.18 4.56 -32.24
C VAL A 166 8.92 3.48 -33.01
N SER A 167 8.66 3.42 -34.32
CA SER A 167 9.28 2.43 -35.18
C SER A 167 10.79 2.59 -35.20
N SER A 168 11.27 3.82 -35.28
CA SER A 168 12.71 4.06 -35.30
C SER A 168 13.33 3.78 -33.94
N PHE A 169 12.58 4.00 -32.86
CA PHE A 169 13.07 3.73 -31.53
C PHE A 169 13.39 2.25 -31.37
N LEU A 170 12.51 1.36 -31.88
CA LEU A 170 12.72 -0.06 -31.75
C LEU A 170 14.04 -0.47 -32.38
N GLU A 171 14.35 0.10 -33.53
CA GLU A 171 15.61 -0.18 -34.20
C GLU A 171 16.76 0.28 -33.31
N MET A 172 16.59 1.43 -32.64
CA MET A 172 17.65 1.92 -31.79
C MET A 172 17.92 0.95 -30.63
N LYS A 173 16.88 0.33 -30.06
CA LYS A 173 17.12 -0.56 -28.92
C LYS A 173 17.78 -1.86 -29.37
N SER A 174 17.31 -2.44 -30.48
CA SER A 174 17.86 -3.70 -30.97
C SER A 174 19.20 -3.54 -31.67
N GLU A 175 19.53 -2.32 -32.10
CA GLU A 175 20.80 -2.10 -32.77
C GLU A 175 21.96 -2.31 -31.81
N LYS A 176 21.84 -1.76 -30.60
CA LYS A 176 22.78 -1.99 -29.49
C LYS A 176 22.25 -1.26 -28.26
N VAL B 4 37.66 14.05 -1.55
CA VAL B 4 38.46 15.21 -1.19
C VAL B 4 37.57 16.33 -0.65
N ASN B 5 36.26 16.08 -0.62
CA ASN B 5 35.27 17.00 -0.03
C ASN B 5 35.34 18.39 -0.69
N SER B 6 35.47 18.41 -2.03
CA SER B 6 35.53 19.65 -2.81
C SER B 6 34.16 20.09 -3.32
N PHE B 7 33.32 20.51 -2.38
CA PHE B 7 31.98 21.03 -2.72
C PHE B 7 32.03 22.43 -3.28
N SER B 8 31.23 22.69 -4.32
CA SER B 8 31.17 24.03 -4.90
C SER B 8 29.74 24.35 -5.31
N GLY B 9 29.41 25.65 -5.28
CA GLY B 9 28.10 26.09 -5.72
C GLY B 9 26.95 25.88 -4.77
N TYR B 10 27.22 25.73 -3.47
CA TYR B 10 26.18 25.63 -2.45
C TYR B 10 25.81 27.02 -1.91
N LEU B 11 24.57 27.14 -1.47
CA LEU B 11 24.09 28.33 -0.77
C LEU B 11 24.21 28.03 0.72
N LYS B 12 24.89 28.90 1.46
CA LYS B 12 25.08 28.70 2.89
C LYS B 12 23.84 29.18 3.63
N LEU B 13 23.15 28.25 4.29
CA LEU B 13 21.94 28.57 5.05
C LEU B 13 22.26 28.95 6.48
N THR B 14 23.14 28.17 7.11
CA THR B 14 23.63 28.45 8.46
C THR B 14 25.13 28.23 8.43
N ASP B 15 25.78 28.26 9.60
CA ASP B 15 27.23 28.02 9.65
C ASP B 15 27.60 26.59 9.27
N ASN B 16 26.66 25.66 9.33
CA ASN B 16 26.99 24.29 9.05
C ASN B 16 26.02 23.55 8.11
N VAL B 17 25.01 24.21 7.56
CA VAL B 17 24.11 23.57 6.61
C VAL B 17 24.20 24.28 5.27
N TYR B 18 24.42 23.50 4.21
CA TYR B 18 24.56 24.00 2.86
C TYR B 18 23.54 23.28 1.98
N ILE B 19 23.12 23.92 0.90
CA ILE B 19 22.11 23.36 0.03
C ILE B 19 22.46 23.69 -1.42
N LYS B 20 22.14 22.76 -2.31
CA LYS B 20 22.42 22.93 -3.73
C LYS B 20 21.34 22.24 -4.53
N ASN B 21 20.93 22.85 -5.64
CA ASN B 21 19.97 22.22 -6.54
C ASN B 21 20.80 21.29 -7.42
N ALA B 22 20.91 20.02 -6.99
CA ALA B 22 21.76 19.07 -7.69
C ALA B 22 21.33 17.65 -7.39
N ASP B 23 21.69 16.74 -8.29
CA ASP B 23 21.48 15.33 -8.06
C ASP B 23 22.57 14.79 -7.13
N ILE B 24 22.17 14.00 -6.12
CA ILE B 24 23.13 13.56 -5.11
C ILE B 24 24.17 12.59 -5.67
N VAL B 25 23.80 11.76 -6.66
CA VAL B 25 24.76 10.84 -7.28
C VAL B 25 25.80 11.63 -8.06
N GLU B 26 25.38 12.63 -8.83
CA GLU B 26 26.35 13.44 -9.56
C GLU B 26 27.26 14.20 -8.60
N GLU B 27 26.72 14.72 -7.50
CA GLU B 27 27.60 15.38 -6.52
C GLU B 27 28.61 14.38 -5.99
N ALA B 28 28.15 13.18 -5.62
CA ALA B 28 29.09 12.20 -5.08
C ALA B 28 30.17 11.93 -6.11
N LYS B 29 29.77 11.81 -7.39
CA LYS B 29 30.73 11.60 -8.47
C LYS B 29 31.68 12.78 -8.62
N LYS B 30 31.20 14.00 -8.40
CA LYS B 30 32.11 15.13 -8.54
C LYS B 30 33.00 15.30 -7.32
N VAL B 31 32.45 15.11 -6.12
CA VAL B 31 33.16 15.51 -4.90
C VAL B 31 34.07 14.39 -4.36
N LYS B 32 33.70 13.13 -4.57
CA LYS B 32 34.34 11.99 -3.92
C LYS B 32 34.35 12.27 -2.41
N PRO B 33 33.18 12.33 -1.78
CA PRO B 33 33.11 12.70 -0.36
C PRO B 33 33.52 11.56 0.56
N THR B 34 33.85 11.93 1.80
CA THR B 34 34.12 10.92 2.82
C THR B 34 32.86 10.15 3.17
N VAL B 35 31.72 10.84 3.30
CA VAL B 35 30.44 10.22 3.65
C VAL B 35 29.35 10.73 2.69
N VAL B 36 28.56 9.79 2.13
CA VAL B 36 27.27 10.10 1.52
C VAL B 36 26.18 9.53 2.41
N VAL B 37 25.06 10.23 2.52
CA VAL B 37 23.94 9.75 3.31
C VAL B 37 22.94 9.12 2.39
N ASN B 38 22.49 7.92 2.75
CA ASN B 38 21.35 7.29 2.09
C ASN B 38 20.12 7.46 2.96
N ALA B 39 18.99 7.78 2.33
CA ALA B 39 17.72 7.82 3.04
C ALA B 39 17.09 6.44 2.88
N ALA B 40 17.19 5.63 3.92
CA ALA B 40 17.03 4.19 3.83
C ALA B 40 15.77 3.75 4.54
N ASN B 41 15.41 2.50 4.33
CA ASN B 41 14.44 1.86 5.19
C ASN B 41 15.16 0.84 6.09
N VAL B 42 14.44 0.33 7.08
CA VAL B 42 15.07 -0.44 8.13
C VAL B 42 15.63 -1.74 7.60
N TYR B 43 15.16 -2.20 6.45
CA TYR B 43 15.66 -3.43 5.89
C TYR B 43 16.71 -3.19 4.82
N LEU B 44 17.13 -1.94 4.63
CA LEU B 44 18.15 -1.59 3.64
C LEU B 44 17.81 -2.16 2.25
N LYS B 45 16.55 -2.09 1.89
CA LYS B 45 16.11 -2.48 0.54
C LYS B 45 16.02 -1.23 -0.33
N HIS B 46 17.04 -1.02 -1.14
CA HIS B 46 17.22 0.19 -1.97
C HIS B 46 16.30 0.28 -3.19
N GLY B 47 15.01 0.44 -2.97
CA GLY B 47 14.07 0.48 -4.10
C GLY B 47 13.49 1.85 -4.36
N GLY B 48 14.12 2.63 -5.22
CA GLY B 48 13.53 3.95 -5.45
C GLY B 48 14.29 5.03 -4.76
N GLY B 49 13.91 6.26 -5.08
CA GLY B 49 14.46 7.55 -4.68
C GLY B 49 15.96 7.59 -4.55
N VAL B 50 16.47 8.24 -3.49
CA VAL B 50 17.91 8.30 -3.28
C VAL B 50 18.52 6.90 -3.19
N ALA B 51 17.88 6.00 -2.43
CA ALA B 51 18.45 4.67 -2.23
C ALA B 51 18.62 3.93 -3.56
N GLY B 52 17.60 3.98 -4.43
CA GLY B 52 17.73 3.32 -5.71
C GLY B 52 18.79 3.95 -6.60
N ALA B 53 18.86 5.29 -6.60
CA ALA B 53 19.88 6.00 -7.39
C ALA B 53 21.31 5.64 -6.94
N LEU B 54 21.57 5.70 -5.64
CA LEU B 54 22.92 5.39 -5.18
C LEU B 54 23.28 3.95 -5.53
N ASN B 55 22.35 3.02 -5.32
CA ASN B 55 22.66 1.62 -5.57
C ASN B 55 22.94 1.40 -7.05
N LYS B 56 22.09 1.94 -7.92
CA LYS B 56 22.33 1.77 -9.35
C LYS B 56 23.72 2.28 -9.73
N ALA B 57 24.14 3.41 -9.15
CA ALA B 57 25.46 3.96 -9.44
C ALA B 57 26.59 3.07 -8.90
N THR B 58 26.31 2.24 -7.91
CA THR B 58 27.29 1.27 -7.44
C THR B 58 27.18 -0.05 -8.19
N ASN B 59 26.36 -0.10 -9.24
CA ASN B 59 26.14 -1.32 -10.01
C ASN B 59 25.65 -2.48 -9.15
N ASN B 60 24.79 -2.17 -8.17
CA ASN B 60 24.11 -3.07 -7.23
C ASN B 60 25.01 -3.61 -6.10
N ALA B 61 26.28 -3.21 -6.02
CA ALA B 61 27.10 -3.67 -4.89
C ALA B 61 26.53 -3.23 -3.55
N MET B 62 25.95 -2.03 -3.49
CA MET B 62 25.36 -1.52 -2.26
C MET B 62 24.26 -2.44 -1.75
N GLN B 63 23.41 -2.94 -2.65
CA GLN B 63 22.35 -3.86 -2.23
C GLN B 63 22.92 -5.18 -1.74
N VAL B 64 23.95 -5.71 -2.41
CA VAL B 64 24.54 -6.95 -1.94
C VAL B 64 25.15 -6.74 -0.57
N GLU B 65 25.90 -5.65 -0.39
CA GLU B 65 26.48 -5.34 0.91
C GLU B 65 25.39 -5.20 1.97
N SER B 66 24.29 -4.54 1.62
CA SER B 66 23.20 -4.37 2.58
C SER B 66 22.57 -5.70 2.98
N ASP B 67 22.32 -6.58 2.01
CA ASP B 67 21.76 -7.89 2.34
C ASP B 67 22.65 -8.65 3.31
N ASP B 68 23.97 -8.61 3.09
CA ASP B 68 24.89 -9.28 4.01
C ASP B 68 24.86 -8.64 5.38
N TYR B 69 24.81 -7.30 5.44
CA TYR B 69 24.70 -6.61 6.72
C TYR B 69 23.44 -7.03 7.45
N ILE B 70 22.30 -7.01 6.76
CA ILE B 70 21.03 -7.36 7.38
C ILE B 70 21.05 -8.82 7.85
N ALA B 71 21.65 -9.71 7.04
CA ALA B 71 21.70 -11.12 7.43
C ALA B 71 22.42 -11.30 8.76
N THR B 72 23.51 -10.56 8.97
CA THR B 72 24.32 -10.72 10.18
C THR B 72 23.73 -9.97 11.37
N ASN B 73 23.14 -8.81 11.14
CA ASN B 73 22.82 -7.89 12.22
C ASN B 73 21.33 -7.62 12.39
N GLY B 74 20.50 -7.95 11.40
CA GLY B 74 19.09 -7.64 11.45
C GLY B 74 18.78 -6.22 11.04
N PRO B 75 17.50 -5.90 10.94
CA PRO B 75 17.08 -4.56 10.48
C PRO B 75 17.49 -3.46 11.45
N LEU B 76 17.56 -2.25 10.89
CA LEU B 76 17.75 -1.06 11.70
C LEU B 76 16.48 -0.70 12.47
N LYS B 77 16.61 0.26 13.38
CA LYS B 77 15.47 0.91 14.01
C LYS B 77 15.17 2.22 13.29
N VAL B 78 13.90 2.64 13.31
CA VAL B 78 13.56 3.95 12.77
C VAL B 78 14.27 5.04 13.56
N GLY B 79 14.88 6.00 12.86
CA GLY B 79 15.73 6.97 13.51
C GLY B 79 17.18 6.54 13.64
N GLY B 80 17.49 5.29 13.29
CA GLY B 80 18.81 4.73 13.42
C GLY B 80 19.62 4.81 12.13
N SER B 81 20.84 4.29 12.20
CA SER B 81 21.75 4.37 11.07
C SER B 81 22.77 3.24 11.13
N CYS B 82 23.43 3.01 10.01
CA CYS B 82 24.64 2.19 9.98
C CYS B 82 25.59 2.71 8.91
N VAL B 83 26.87 2.50 9.16
CA VAL B 83 27.94 2.88 8.25
C VAL B 83 28.38 1.68 7.43
N LEU B 84 28.26 1.77 6.10
CA LEU B 84 28.75 0.74 5.19
C LEU B 84 29.70 1.40 4.20
N SER B 85 30.14 0.63 3.22
CA SER B 85 31.07 1.13 2.22
C SER B 85 30.36 2.13 1.31
N GLY B 86 31.08 3.18 0.89
CA GLY B 86 30.64 4.07 -0.17
C GLY B 86 30.97 3.65 -1.59
N HIS B 87 31.63 2.51 -1.77
CA HIS B 87 31.91 1.89 -3.07
C HIS B 87 32.63 2.91 -3.95
N ASN B 88 32.19 3.12 -5.18
CA ASN B 88 32.82 4.05 -6.11
C ASN B 88 32.36 5.49 -5.92
N LEU B 89 31.44 5.78 -5.01
CA LEU B 89 30.89 7.12 -4.90
C LEU B 89 31.48 7.93 -3.76
N ALA B 90 31.93 7.26 -2.71
CA ALA B 90 32.35 7.92 -1.49
C ALA B 90 33.18 6.93 -0.68
N LYS B 91 33.87 7.43 0.34
CA LYS B 91 34.54 6.50 1.25
C LYS B 91 33.53 5.68 2.04
N HIS B 92 32.53 6.33 2.63
CA HIS B 92 31.54 5.68 3.46
C HIS B 92 30.17 6.08 2.98
N CYS B 93 29.20 5.20 3.22
CA CYS B 93 27.79 5.50 3.08
C CYS B 93 27.11 5.38 4.44
N LEU B 94 26.52 6.46 4.90
CA LEU B 94 25.72 6.43 6.12
C LEU B 94 24.27 6.19 5.73
N HIS B 95 23.80 4.98 5.99
CA HIS B 95 22.40 4.64 5.75
C HIS B 95 21.61 5.12 6.95
N VAL B 96 20.68 6.06 6.73
CA VAL B 96 19.88 6.62 7.81
C VAL B 96 18.41 6.36 7.51
N VAL B 97 17.64 5.97 8.53
CA VAL B 97 16.22 5.69 8.37
C VAL B 97 15.41 6.81 9.00
N GLY B 98 14.81 7.67 8.17
CA GLY B 98 13.83 8.60 8.65
C GLY B 98 12.51 7.90 8.85
N PRO B 99 11.59 8.51 9.60
CA PRO B 99 10.27 7.89 9.74
C PRO B 99 9.49 7.91 8.45
N ASN B 100 8.76 6.81 8.21
CA ASN B 100 7.87 6.67 7.07
C ASN B 100 6.49 7.17 7.48
N VAL B 101 6.24 8.46 7.22
CA VAL B 101 5.00 9.11 7.62
C VAL B 101 3.81 8.51 6.87
N ASN B 102 4.06 7.94 5.69
CA ASN B 102 2.96 7.29 4.97
C ASN B 102 2.44 6.06 5.71
N LYS B 103 3.29 5.43 6.53
CA LYS B 103 2.86 4.31 7.35
C LYS B 103 2.57 4.71 8.78
N GLY B 104 2.43 6.00 9.05
CA GLY B 104 2.06 6.42 10.40
C GLY B 104 3.17 6.33 11.43
N GLU B 105 4.43 6.27 11.00
CA GLU B 105 5.54 6.30 11.95
C GLU B 105 5.72 7.70 12.53
N ASP B 106 6.34 7.76 13.69
CA ASP B 106 6.38 9.00 14.46
C ASP B 106 7.31 10.02 13.79
N ILE B 107 6.75 11.16 13.36
CA ILE B 107 7.56 12.21 12.76
C ILE B 107 8.66 12.72 13.70
N GLN B 108 8.48 12.56 15.02
CA GLN B 108 9.53 13.01 15.94
C GLN B 108 10.83 12.25 15.77
N LEU B 109 10.78 11.06 15.16
CA LEU B 109 11.97 10.26 14.89
C LEU B 109 12.84 10.87 13.79
N LEU B 110 12.34 11.88 13.06
CA LEU B 110 13.20 12.58 12.12
C LEU B 110 14.34 13.27 12.85
N LYS B 111 14.09 13.73 14.06
CA LYS B 111 15.15 14.30 14.89
C LYS B 111 16.20 13.24 15.23
N SER B 112 15.78 12.08 15.72
CA SER B 112 16.72 10.98 15.95
C SER B 112 17.51 10.66 14.69
N ALA B 113 16.83 10.71 13.53
CA ALA B 113 17.49 10.38 12.26
C ALA B 113 18.62 11.34 11.94
N TYR B 114 18.33 12.64 11.98
CA TYR B 114 19.38 13.61 11.70
C TYR B 114 20.49 13.61 12.77
N GLU B 115 20.18 13.25 14.03
CA GLU B 115 21.23 13.15 15.05
C GLU B 115 22.41 12.30 14.61
N ASN B 116 22.15 11.27 13.80
CA ASN B 116 23.24 10.40 13.33
C ASN B 116 24.27 11.20 12.55
N PHE B 117 23.85 12.30 11.91
CA PHE B 117 24.80 13.14 11.18
C PHE B 117 25.86 13.75 12.08
N ASN B 118 25.59 13.88 13.38
CA ASN B 118 26.51 14.58 14.26
C ASN B 118 27.74 13.74 14.61
N GLN B 119 27.81 12.49 14.15
CA GLN B 119 29.00 11.65 14.29
C GLN B 119 29.95 11.74 13.09
N HIS B 120 29.73 12.68 12.17
CA HIS B 120 30.55 12.82 10.97
C HIS B 120 30.84 14.27 10.65
N GLU B 121 32.13 14.55 10.40
CA GLU B 121 32.57 15.93 10.20
C GLU B 121 31.86 16.56 9.00
N VAL B 122 31.74 15.81 7.90
CA VAL B 122 31.18 16.30 6.65
C VAL B 122 30.35 15.21 6.00
N LEU B 123 29.18 15.60 5.48
CA LEU B 123 28.32 14.63 4.84
C LEU B 123 27.68 15.29 3.61
N LEU B 124 27.55 14.50 2.54
CA LEU B 124 26.66 14.81 1.45
C LEU B 124 25.35 14.07 1.71
N ALA B 125 24.23 14.80 1.70
CA ALA B 125 23.00 14.19 2.19
C ALA B 125 21.77 14.63 1.41
N PRO B 126 20.73 13.81 1.38
CA PRO B 126 19.41 14.26 0.92
C PRO B 126 18.54 14.68 2.10
N LEU B 127 17.31 15.14 1.81
CA LEU B 127 16.32 15.47 2.83
C LEU B 127 15.60 14.20 3.29
N LEU B 128 15.84 13.77 4.52
CA LEU B 128 15.30 12.50 4.98
C LEU B 128 13.78 12.58 5.06
N SER B 129 13.12 11.48 4.72
CA SER B 129 11.68 11.27 4.81
C SER B 129 10.85 12.11 3.85
N ALA B 130 11.47 12.97 3.03
CA ALA B 130 10.75 13.97 2.25
C ALA B 130 10.27 13.46 0.89
N GLY B 131 10.58 12.21 0.54
CA GLY B 131 10.09 11.74 -0.74
C GLY B 131 9.07 10.66 -0.53
N ILE B 132 9.54 9.42 -0.66
CA ILE B 132 8.71 8.24 -0.56
C ILE B 132 8.09 8.11 0.81
N PHE B 133 8.78 8.60 1.85
CA PHE B 133 8.28 8.50 3.21
C PHE B 133 7.30 9.60 3.58
N GLY B 134 7.09 10.57 2.69
CA GLY B 134 5.93 11.42 2.82
C GLY B 134 6.02 12.54 3.83
N ALA B 135 7.21 12.87 4.34
CA ALA B 135 7.33 14.02 5.22
C ALA B 135 7.36 15.32 4.43
N ASP B 136 6.90 16.38 5.05
CA ASP B 136 6.97 17.71 4.43
C ASP B 136 8.42 18.08 4.22
N PRO B 137 8.85 18.35 2.98
CA PRO B 137 10.27 18.68 2.76
C PRO B 137 10.72 19.88 3.56
N ILE B 138 9.85 20.86 3.78
CA ILE B 138 10.20 22.03 4.57
C ILE B 138 10.43 21.63 6.03
N HIS B 139 9.57 20.74 6.57
CA HIS B 139 9.80 20.24 7.92
C HIS B 139 11.13 19.48 8.02
N SER B 140 11.45 18.67 7.02
CA SER B 140 12.70 17.91 7.05
C SER B 140 13.90 18.84 7.05
N LEU B 141 13.80 19.94 6.32
CA LEU B 141 14.89 20.94 6.24
C LEU B 141 15.00 21.68 7.58
N ARG B 142 13.85 21.97 8.20
CA ARG B 142 13.82 22.68 9.51
C ARG B 142 14.50 21.83 10.58
N VAL B 143 14.09 20.56 10.68
CA VAL B 143 14.68 19.61 11.69
C VAL B 143 16.19 19.49 11.43
N CYS B 144 16.58 19.36 10.15
CA CYS B 144 18.01 19.22 9.77
C CYS B 144 18.79 20.44 10.29
N VAL B 145 18.23 21.64 10.13
CA VAL B 145 18.87 22.86 10.58
C VAL B 145 18.91 22.91 12.11
N ASP B 146 17.88 22.40 12.78
CA ASP B 146 17.82 22.50 14.23
C ASP B 146 18.63 21.41 14.94
N THR B 147 18.94 20.30 14.27
CA THR B 147 19.55 19.11 14.89
C THR B 147 21.02 18.94 14.58
N VAL B 148 21.43 19.16 13.33
CA VAL B 148 22.79 18.85 12.90
C VAL B 148 23.72 20.01 13.26
N ARG B 149 24.87 19.68 13.85
CA ARG B 149 25.89 20.66 14.23
C ARG B 149 27.10 20.61 13.32
N THR B 150 27.31 19.50 12.62
CA THR B 150 28.41 19.29 11.70
C THR B 150 28.02 19.77 10.30
N ASN B 151 28.94 19.66 9.34
CA ASN B 151 28.81 20.25 8.01
C ASN B 151 28.01 19.32 7.09
N VAL B 152 26.80 19.74 6.73
CA VAL B 152 25.90 18.94 5.92
C VAL B 152 25.63 19.65 4.59
N TYR B 153 25.95 18.96 3.49
CA TYR B 153 25.72 19.47 2.15
C TYR B 153 24.50 18.76 1.61
N LEU B 154 23.42 19.51 1.47
CA LEU B 154 22.13 18.95 1.10
C LEU B 154 21.97 19.05 -0.41
N ALA B 155 21.65 17.92 -1.04
CA ALA B 155 21.38 17.84 -2.47
C ALA B 155 19.88 17.71 -2.71
N VAL B 156 19.31 18.73 -3.36
CA VAL B 156 17.90 18.79 -3.73
C VAL B 156 17.83 18.87 -5.26
N PHE B 157 17.48 17.79 -5.95
CA PHE B 157 17.67 17.77 -7.40
C PHE B 157 16.60 18.54 -8.15
N ASP B 158 15.40 18.67 -7.58
CA ASP B 158 14.27 19.35 -8.22
C ASP B 158 14.37 20.86 -7.97
N LYS B 159 14.45 21.64 -9.06
CA LYS B 159 14.65 23.09 -8.94
C LYS B 159 13.46 23.78 -8.30
N ASN B 160 12.24 23.32 -8.58
CA ASN B 160 11.07 23.94 -7.98
C ASN B 160 11.04 23.70 -6.48
N LEU B 161 11.36 22.48 -6.04
CA LEU B 161 11.40 22.24 -4.61
C LEU B 161 12.51 23.06 -3.97
N TYR B 162 13.67 23.16 -4.63
CA TYR B 162 14.78 23.95 -4.10
C TYR B 162 14.34 25.37 -3.82
N ASP B 163 13.69 26.01 -4.80
CA ASP B 163 13.24 27.39 -4.64
C ASP B 163 12.20 27.51 -3.52
N LYS B 164 11.29 26.55 -3.40
CA LYS B 164 10.33 26.57 -2.31
C LYS B 164 11.01 26.41 -0.95
N LEU B 165 12.02 25.53 -0.87
CA LEU B 165 12.72 25.30 0.39
C LEU B 165 13.47 26.56 0.83
N VAL B 166 14.17 27.22 -0.11
CA VAL B 166 14.92 28.41 0.27
C VAL B 166 13.95 29.49 0.76
N SER B 167 12.85 29.70 0.03
CA SER B 167 11.92 30.76 0.41
C SER B 167 11.29 30.49 1.78
N SER B 168 10.93 29.24 2.06
CA SER B 168 10.31 28.93 3.34
C SER B 168 11.30 29.07 4.48
N PHE B 169 12.57 28.70 4.24
CA PHE B 169 13.61 28.85 5.24
C PHE B 169 13.75 30.32 5.63
N LEU B 170 13.74 31.22 4.63
CA LEU B 170 13.88 32.64 4.92
C LEU B 170 12.71 33.12 5.79
N GLU B 171 11.50 32.63 5.51
CA GLU B 171 10.35 32.96 6.34
C GLU B 171 10.59 32.47 7.76
N MET B 172 11.10 31.25 7.91
CA MET B 172 11.32 30.68 9.24
C MET B 172 12.42 31.40 9.99
N LYS B 173 13.48 31.84 9.31
CA LYS B 173 14.56 32.54 10.02
C LYS B 173 14.12 33.90 10.56
N SER B 174 13.35 34.67 9.77
CA SER B 174 12.95 36.02 10.19
C SER B 174 11.82 36.05 11.20
N GLU B 175 11.01 35.01 11.31
CA GLU B 175 9.91 35.08 12.25
C GLU B 175 10.26 34.47 13.60
N LYS B 176 11.33 33.69 13.69
CA LYS B 176 11.77 33.04 14.93
C LYS B 176 11.98 34.05 16.05
C GLU C 3 -33.68 -16.09 12.35
N VAL C 4 -32.34 -16.18 12.38
CA VAL C 4 -31.48 -15.55 11.39
C VAL C 4 -30.72 -16.67 10.66
N ASN C 5 -30.27 -16.35 9.44
CA ASN C 5 -29.45 -17.26 8.63
C ASN C 5 -30.14 -18.61 8.39
N SER C 6 -31.44 -18.59 8.08
CA SER C 6 -32.21 -19.81 7.81
C SER C 6 -32.27 -20.17 6.31
N PHE C 7 -31.09 -20.58 5.81
CA PHE C 7 -30.92 -21.02 4.43
C PHE C 7 -31.51 -22.41 4.19
N SER C 8 -32.15 -22.58 3.02
CA SER C 8 -32.73 -23.86 2.61
C SER C 8 -32.55 -24.06 1.11
N GLY C 9 -32.45 -25.32 0.72
CA GLY C 9 -32.35 -25.71 -0.68
C GLY C 9 -31.01 -25.53 -1.35
N TYR C 10 -29.92 -25.46 -0.58
CA TYR C 10 -28.57 -25.38 -1.12
C TYR C 10 -27.96 -26.76 -1.35
N LEU C 11 -27.06 -26.85 -2.32
CA LEU C 11 -26.28 -28.06 -2.55
C LEU C 11 -24.95 -27.86 -1.82
N LYS C 12 -24.58 -28.81 -0.97
CA LYS C 12 -23.35 -28.69 -0.21
C LYS C 12 -22.21 -29.18 -1.10
N LEU C 13 -21.26 -28.30 -1.40
CA LEU C 13 -20.11 -28.65 -2.24
C LEU C 13 -18.93 -29.16 -1.42
N THR C 14 -18.63 -28.47 -0.31
CA THR C 14 -17.60 -28.83 0.66
C THR C 14 -18.21 -28.66 2.05
N ASP C 15 -17.42 -28.80 3.11
CA ASP C 15 -17.96 -28.64 4.48
C ASP C 15 -18.43 -27.22 4.79
N ASN C 16 -17.97 -26.25 4.02
CA ASN C 16 -18.30 -24.86 4.27
C ASN C 16 -18.76 -24.08 3.05
N VAL C 17 -18.88 -24.71 1.87
CA VAL C 17 -19.36 -24.01 0.68
C VAL C 17 -20.64 -24.66 0.18
N TYR C 18 -21.67 -23.85 0.00
CA TYR C 18 -22.99 -24.25 -0.45
C TYR C 18 -23.36 -23.40 -1.65
N ILE C 19 -24.22 -23.94 -2.51
CA ILE C 19 -24.60 -23.23 -3.72
C ILE C 19 -26.08 -23.47 -4.01
N LYS C 20 -26.74 -22.44 -4.57
CA LYS C 20 -28.16 -22.50 -4.90
C LYS C 20 -28.42 -21.65 -6.13
N ASN C 21 -29.31 -22.13 -7.00
CA ASN C 21 -29.76 -21.39 -8.17
C ASN C 21 -30.83 -20.45 -7.66
N ALA C 22 -30.44 -19.22 -7.34
CA ALA C 22 -31.40 -18.30 -6.76
C ALA C 22 -30.93 -16.87 -6.97
N ASP C 23 -31.87 -15.93 -6.93
CA ASP C 23 -31.46 -14.54 -6.97
C ASP C 23 -30.98 -14.12 -5.58
N ILE C 24 -29.86 -13.39 -5.53
CA ILE C 24 -29.26 -13.08 -4.23
C ILE C 24 -30.14 -12.12 -3.42
N VAL C 25 -30.86 -11.23 -4.09
CA VAL C 25 -31.72 -10.32 -3.35
C VAL C 25 -32.89 -11.08 -2.74
N GLU C 26 -33.50 -11.99 -3.49
CA GLU C 26 -34.60 -12.75 -2.92
C GLU C 26 -34.13 -13.61 -1.77
N GLU C 27 -32.92 -14.20 -1.90
CA GLU C 27 -32.38 -14.99 -0.80
C GLU C 27 -32.23 -14.10 0.42
N ALA C 28 -31.65 -12.90 0.24
CA ALA C 28 -31.48 -12.00 1.38
C ALA C 28 -32.82 -11.68 2.03
N LYS C 29 -33.84 -11.43 1.20
CA LYS C 29 -35.17 -11.15 1.75
C LYS C 29 -35.76 -12.33 2.49
N LYS C 30 -35.50 -13.56 2.06
CA LYS C 30 -36.09 -14.66 2.81
C LYS C 30 -35.32 -14.97 4.08
N VAL C 31 -34.00 -14.93 4.02
CA VAL C 31 -33.20 -15.46 5.11
C VAL C 31 -32.90 -14.40 6.17
N LYS C 32 -32.83 -13.11 5.77
CA LYS C 32 -32.37 -12.04 6.65
C LYS C 32 -31.04 -12.42 7.26
N PRO C 33 -29.98 -12.55 6.47
CA PRO C 33 -28.71 -13.04 6.99
C PRO C 33 -27.97 -11.97 7.79
N THR C 34 -26.92 -12.43 8.48
CA THR C 34 -26.06 -11.51 9.22
C THR C 34 -25.19 -10.68 8.27
N VAL C 35 -24.74 -11.29 7.17
CA VAL C 35 -23.86 -10.64 6.19
C VAL C 35 -24.29 -11.04 4.78
N VAL C 36 -24.48 -10.06 3.90
CA VAL C 36 -24.53 -10.30 2.46
C VAL C 36 -23.24 -9.77 1.87
N VAL C 37 -22.72 -10.45 0.84
CA VAL C 37 -21.53 -9.98 0.14
C VAL C 37 -21.96 -9.23 -1.10
N ASN C 38 -21.42 -8.03 -1.30
CA ASN C 38 -21.61 -7.32 -2.54
C ASN C 38 -20.35 -7.49 -3.39
N ALA C 39 -20.51 -7.72 -4.71
CA ALA C 39 -19.38 -7.75 -5.63
C ALA C 39 -19.19 -6.33 -6.17
N ALA C 40 -18.21 -5.63 -5.63
CA ALA C 40 -18.15 -4.18 -5.68
C ALA C 40 -16.99 -3.71 -6.54
N ASN C 41 -16.99 -2.41 -6.84
CA ASN C 41 -15.77 -1.80 -7.34
C ASN C 41 -15.18 -0.94 -6.24
N VAL C 42 -13.96 -0.45 -6.48
CA VAL C 42 -13.22 0.19 -5.41
C VAL C 42 -13.87 1.49 -5.04
N TYR C 43 -14.70 2.05 -5.91
CA TYR C 43 -15.35 3.31 -5.60
C TYR C 43 -16.78 3.13 -5.09
N LEU C 44 -17.21 1.88 -4.88
CA LEU C 44 -18.54 1.59 -4.36
C LEU C 44 -19.62 2.32 -5.17
N LYS C 45 -19.43 2.34 -6.49
CA LYS C 45 -20.43 2.88 -7.41
C LYS C 45 -21.27 1.70 -7.91
N HIS C 46 -22.42 1.50 -7.28
CA HIS C 46 -23.29 0.32 -7.47
C HIS C 46 -24.08 0.33 -8.78
N GLY C 47 -23.39 0.23 -9.89
CA GLY C 47 -24.06 0.26 -11.20
C GLY C 47 -24.17 -1.10 -11.89
N GLY C 48 -25.24 -1.82 -11.63
CA GLY C 48 -25.33 -3.09 -12.35
C GLY C 48 -24.91 -4.30 -11.56
N GLY C 49 -25.34 -5.46 -12.04
CA GLY C 49 -25.06 -6.77 -11.45
C GLY C 49 -25.57 -6.87 -10.04
N VAL C 50 -24.84 -7.63 -9.24
CA VAL C 50 -25.21 -7.76 -7.84
C VAL C 50 -25.29 -6.40 -7.15
N ALA C 51 -24.32 -5.52 -7.40
CA ALA C 51 -24.30 -4.24 -6.69
C ALA C 51 -25.54 -3.40 -6.96
N GLY C 52 -25.94 -3.31 -8.23
CA GLY C 52 -27.15 -2.56 -8.58
C GLY C 52 -28.42 -3.20 -8.05
N ALA C 53 -28.50 -4.54 -8.08
CA ALA C 53 -29.66 -5.25 -7.53
C ALA C 53 -29.83 -4.96 -6.05
N LEU C 54 -28.74 -5.12 -5.27
CA LEU C 54 -28.82 -4.87 -3.83
C LEU C 54 -29.18 -3.43 -3.56
N ASN C 55 -28.56 -2.51 -4.29
CA ASN C 55 -28.78 -1.09 -4.04
C ASN C 55 -30.23 -0.74 -4.33
N LYS C 56 -30.73 -1.20 -5.47
CA LYS C 56 -32.12 -0.96 -5.82
C LYS C 56 -33.07 -1.50 -4.74
N ALA C 57 -32.74 -2.67 -4.17
CA ALA C 57 -33.59 -3.25 -3.13
C ALA C 57 -33.52 -2.46 -1.83
N THR C 58 -32.47 -1.68 -1.61
CA THR C 58 -32.40 -0.79 -0.45
C THR C 58 -32.94 0.58 -0.78
N ASN C 59 -33.55 0.75 -1.95
CA ASN C 59 -34.11 2.04 -2.37
C ASN C 59 -33.05 3.13 -2.37
N ASN C 60 -31.82 2.78 -2.79
CA ASN C 60 -30.66 3.66 -2.97
C ASN C 60 -29.99 4.03 -1.64
N ALA C 61 -30.44 3.51 -0.49
CA ALA C 61 -29.73 3.80 0.76
C ALA C 61 -28.30 3.32 0.69
N MET C 62 -28.10 2.09 0.18
CA MET C 62 -26.76 1.55 0.02
C MET C 62 -25.83 2.53 -0.69
N GLN C 63 -26.34 3.20 -1.74
CA GLN C 63 -25.48 4.08 -2.53
C GLN C 63 -25.11 5.35 -1.78
N VAL C 64 -26.07 5.93 -1.07
CA VAL C 64 -25.80 7.14 -0.30
C VAL C 64 -24.79 6.84 0.80
N GLU C 65 -24.97 5.71 1.49
CA GLU C 65 -24.04 5.30 2.53
C GLU C 65 -22.64 5.08 1.97
N SER C 66 -22.56 4.46 0.81
CA SER C 66 -21.26 4.22 0.19
C SER C 66 -20.58 5.53 -0.16
N ASP C 67 -21.35 6.47 -0.73
CA ASP C 67 -20.83 7.79 -1.05
C ASP C 67 -20.27 8.47 0.19
N ASP C 68 -20.99 8.36 1.30
CA ASP C 68 -20.50 8.93 2.55
C ASP C 68 -19.23 8.24 3.00
N TYR C 69 -19.20 6.90 2.92
CA TYR C 69 -18.01 6.14 3.26
C TYR C 69 -16.80 6.56 2.41
N ILE C 70 -16.99 6.65 1.10
CA ILE C 70 -15.85 6.97 0.23
C ILE C 70 -15.33 8.38 0.56
N ALA C 71 -16.22 9.33 0.82
CA ALA C 71 -15.78 10.71 1.11
C ALA C 71 -14.88 10.76 2.35
N THR C 72 -15.18 9.95 3.36
CA THR C 72 -14.41 9.95 4.60
C THR C 72 -13.13 9.14 4.45
N ASN C 73 -13.15 8.02 3.70
CA ASN C 73 -12.08 7.04 3.76
C ASN C 73 -11.31 6.86 2.46
N GLY C 74 -11.83 7.32 1.33
CA GLY C 74 -11.19 7.09 0.06
C GLY C 74 -11.55 5.72 -0.44
N PRO C 75 -11.19 5.43 -1.69
CA PRO C 75 -11.56 4.14 -2.32
C PRO C 75 -10.90 2.94 -1.64
N LEU C 76 -11.51 1.78 -1.84
CA LEU C 76 -10.93 0.51 -1.45
C LEU C 76 -9.76 0.14 -2.37
N LYS C 77 -9.01 -0.89 -1.99
CA LYS C 77 -8.03 -1.52 -2.86
C LYS C 77 -8.65 -2.75 -3.51
N VAL C 78 -8.15 -3.13 -4.69
CA VAL C 78 -8.63 -4.37 -5.29
C VAL C 78 -8.26 -5.54 -4.37
N GLY C 79 -9.21 -6.45 -4.13
CA GLY C 79 -8.99 -7.49 -3.14
C GLY C 79 -9.39 -7.10 -1.74
N GLY C 80 -9.76 -5.85 -1.53
CA GLY C 80 -10.11 -5.33 -0.23
C GLY C 80 -11.61 -5.37 0.01
N SER C 81 -12.00 -4.89 1.18
CA SER C 81 -13.39 -4.95 1.58
C SER C 81 -13.68 -3.87 2.60
N CYS C 82 -14.96 -3.62 2.81
CA CYS C 82 -15.37 -2.83 3.96
C CYS C 82 -16.72 -3.34 4.40
N VAL C 83 -17.00 -3.23 5.70
CA VAL C 83 -18.29 -3.63 6.25
C VAL C 83 -19.16 -2.40 6.42
N LEU C 84 -20.33 -2.38 5.76
CA LEU C 84 -21.31 -1.30 5.96
C LEU C 84 -22.66 -1.90 6.34
N SER C 85 -23.70 -1.07 6.40
CA SER C 85 -25.01 -1.55 6.77
C SER C 85 -25.56 -2.45 5.67
N GLY C 86 -26.29 -3.49 6.08
CA GLY C 86 -27.11 -4.29 5.19
C GLY C 86 -28.51 -3.76 4.97
N HIS C 87 -28.83 -2.64 5.60
CA HIS C 87 -30.09 -1.92 5.40
C HIS C 87 -31.25 -2.87 5.68
N ASN C 88 -32.25 -2.96 4.79
CA ASN C 88 -33.43 -3.79 4.96
C ASN C 88 -33.22 -5.23 4.57
N LEU C 89 -32.05 -5.59 4.05
CA LEU C 89 -31.79 -6.91 3.49
C LEU C 89 -31.01 -7.83 4.41
N ALA C 90 -30.17 -7.28 5.28
CA ALA C 90 -29.27 -8.04 6.14
C ALA C 90 -28.82 -7.10 7.24
N LYS C 91 -28.21 -7.69 8.27
CA LYS C 91 -27.60 -6.86 9.31
C LYS C 91 -26.41 -6.07 8.76
N HIS C 92 -25.50 -6.71 8.05
CA HIS C 92 -24.32 -6.06 7.52
C HIS C 92 -24.22 -6.37 6.03
N CYS C 93 -23.59 -5.48 5.28
CA CYS C 93 -23.21 -5.78 3.90
C CYS C 93 -21.69 -5.72 3.78
N LEU C 94 -21.08 -6.82 3.36
CA LEU C 94 -19.64 -6.87 3.11
C LEU C 94 -19.39 -6.55 1.65
N HIS C 95 -18.85 -5.36 1.40
CA HIS C 95 -18.45 -4.93 0.06
C HIS C 95 -17.06 -5.44 -0.23
N VAL C 96 -16.92 -6.30 -1.25
CA VAL C 96 -15.64 -6.89 -1.65
C VAL C 96 -15.31 -6.50 -3.07
N VAL C 97 -14.05 -6.16 -3.31
CA VAL C 97 -13.62 -5.78 -4.65
C VAL C 97 -12.85 -6.95 -5.25
N GLY C 98 -13.46 -7.66 -6.18
CA GLY C 98 -12.74 -8.65 -6.96
C GLY C 98 -11.93 -7.94 -8.03
N PRO C 99 -10.94 -8.62 -8.60
CA PRO C 99 -10.18 -8.00 -9.70
C PRO C 99 -11.07 -7.83 -10.91
N ASN C 100 -10.90 -6.71 -11.61
CA ASN C 100 -11.56 -6.47 -12.91
C ASN C 100 -10.64 -6.98 -14.03
N VAL C 101 -10.84 -8.24 -14.39
CA VAL C 101 -10.00 -8.88 -15.40
C VAL C 101 -10.19 -8.23 -16.78
N ASN C 102 -11.34 -7.62 -17.02
CA ASN C 102 -11.53 -6.92 -18.29
C ASN C 102 -10.60 -5.74 -18.44
N LYS C 103 -10.15 -5.15 -17.32
CA LYS C 103 -9.17 -4.07 -17.38
C LYS C 103 -7.76 -4.59 -17.16
N GLY C 104 -7.56 -5.90 -17.26
CA GLY C 104 -6.25 -6.52 -17.12
C GLY C 104 -5.72 -6.61 -15.71
N GLU C 105 -6.57 -6.46 -14.71
CA GLU C 105 -6.14 -6.70 -13.34
C GLU C 105 -5.92 -8.19 -13.09
N ASP C 106 -5.10 -8.48 -12.10
CA ASP C 106 -4.62 -9.84 -11.87
C ASP C 106 -5.74 -10.72 -11.32
N ILE C 107 -6.12 -11.77 -12.06
CA ILE C 107 -7.14 -12.66 -11.54
C ILE C 107 -6.71 -13.29 -10.22
N GLN C 108 -5.39 -13.33 -9.96
CA GLN C 108 -4.91 -13.88 -8.70
C GLN C 108 -5.35 -13.05 -7.48
N LEU C 109 -5.75 -11.80 -7.69
CA LEU C 109 -6.26 -11.01 -6.57
C LEU C 109 -7.60 -11.52 -6.08
N LEU C 110 -8.21 -12.44 -6.83
CA LEU C 110 -9.43 -13.10 -6.38
C LEU C 110 -9.18 -13.91 -5.09
N LYS C 111 -7.96 -14.42 -4.89
CA LYS C 111 -7.64 -15.04 -3.60
C LYS C 111 -7.74 -14.01 -2.47
N SER C 112 -7.14 -12.84 -2.65
CA SER C 112 -7.23 -11.79 -1.64
CA SER C 112 -7.23 -11.79 -1.63
C SER C 112 -8.68 -11.40 -1.36
N ALA C 113 -9.51 -11.31 -2.40
CA ALA C 113 -10.90 -10.91 -2.21
C ALA C 113 -11.67 -11.94 -1.38
N TYR C 114 -11.60 -13.23 -1.76
CA TYR C 114 -12.31 -14.24 -0.96
C TYR C 114 -11.75 -14.38 0.46
N GLU C 115 -10.45 -14.11 0.68
CA GLU C 115 -9.95 -14.13 2.06
C GLU C 115 -10.79 -13.27 3.00
N ASN C 116 -11.39 -12.17 2.49
CA ASN C 116 -12.21 -11.32 3.34
C ASN C 116 -13.39 -12.06 3.95
N PHE C 117 -13.86 -13.13 3.29
CA PHE C 117 -14.98 -13.92 3.82
C PHE C 117 -14.62 -14.59 5.13
N ASN C 118 -13.33 -14.80 5.39
CA ASN C 118 -12.91 -15.59 6.53
C ASN C 118 -13.03 -14.84 7.84
N GLN C 119 -13.42 -13.56 7.79
CA GLN C 119 -13.72 -12.74 8.96
C GLN C 119 -15.20 -12.76 9.37
N HIS C 120 -16.01 -13.66 8.78
CA HIS C 120 -17.44 -13.76 9.03
C HIS C 120 -17.91 -15.20 9.12
N GLU C 121 -18.69 -15.50 10.15
CA GLU C 121 -19.09 -16.88 10.40
C GLU C 121 -19.89 -17.43 9.24
N VAL C 122 -20.81 -16.64 8.69
CA VAL C 122 -21.67 -17.08 7.61
C VAL C 122 -21.99 -15.92 6.68
N LEU C 123 -22.02 -16.18 5.37
CA LEU C 123 -22.27 -15.12 4.41
C LEU C 123 -23.16 -15.61 3.29
N LEU C 124 -24.07 -14.74 2.83
CA LEU C 124 -24.71 -14.91 1.54
C LEU C 124 -23.91 -14.13 0.51
N ALA C 125 -23.50 -14.79 -0.57
CA ALA C 125 -22.52 -14.14 -1.45
C ALA C 125 -22.74 -14.49 -2.92
N PRO C 126 -22.31 -13.63 -3.81
CA PRO C 126 -22.25 -14.02 -5.22
C PRO C 126 -20.85 -14.51 -5.58
N LEU C 127 -20.68 -14.91 -6.84
CA LEU C 127 -19.38 -15.29 -7.37
C LEU C 127 -18.62 -14.03 -7.76
N LEU C 128 -17.57 -13.71 -7.01
CA LEU C 128 -16.90 -12.43 -7.23
C LEU C 128 -16.25 -12.43 -8.60
N SER C 129 -16.26 -11.27 -9.26
CA SER C 129 -15.62 -11.02 -10.54
C SER C 129 -16.15 -11.90 -11.67
N ALA C 130 -17.29 -12.59 -11.50
CA ALA C 130 -17.73 -13.52 -12.54
C ALA C 130 -18.70 -12.91 -13.54
N GLY C 131 -19.11 -11.66 -13.36
CA GLY C 131 -20.04 -11.08 -14.31
C GLY C 131 -19.38 -9.98 -15.10
N ILE C 132 -19.65 -8.73 -14.68
CA ILE C 132 -19.13 -7.56 -15.40
C ILE C 132 -17.61 -7.53 -15.38
N PHE C 133 -16.99 -8.09 -14.34
CA PHE C 133 -15.54 -8.04 -14.28
C PHE C 133 -14.85 -9.14 -15.08
N GLY C 134 -15.60 -10.08 -15.66
CA GLY C 134 -15.05 -10.92 -16.72
C GLY C 134 -14.17 -12.07 -16.27
N ALA C 135 -14.20 -12.44 -15.00
CA ALA C 135 -13.47 -13.63 -14.61
C ALA C 135 -14.28 -14.86 -14.99
N ASP C 136 -13.58 -15.95 -15.23
CA ASP C 136 -14.25 -17.21 -15.50
C ASP C 136 -15.03 -17.60 -14.27
N PRO C 137 -16.35 -17.79 -14.36
CA PRO C 137 -17.12 -18.15 -13.15
C PRO C 137 -16.58 -19.39 -12.46
N ILE C 138 -16.13 -20.37 -13.27
CA ILE C 138 -15.62 -21.64 -12.76
C ILE C 138 -14.38 -21.40 -11.93
N HIS C 139 -13.49 -20.54 -12.43
CA HIS C 139 -12.28 -20.24 -11.69
C HIS C 139 -12.65 -19.50 -10.41
N SER C 140 -13.67 -18.61 -10.46
CA SER C 140 -14.09 -17.90 -9.27
C SER C 140 -14.64 -18.87 -8.23
N LEU C 141 -15.36 -19.90 -8.67
CA LEU C 141 -15.85 -20.92 -7.75
C LEU C 141 -14.67 -21.71 -7.18
N ARG C 142 -13.68 -21.99 -8.02
CA ARG C 142 -12.54 -22.72 -7.53
C ARG C 142 -11.88 -21.96 -6.39
N VAL C 143 -11.58 -20.68 -6.64
CA VAL C 143 -10.86 -19.88 -5.67
C VAL C 143 -11.66 -19.78 -4.39
N CYS C 144 -12.98 -19.61 -4.51
CA CYS C 144 -13.81 -19.56 -3.33
C CYS C 144 -13.62 -20.81 -2.48
N VAL C 145 -13.73 -21.98 -3.10
CA VAL C 145 -13.67 -23.24 -2.38
C VAL C 145 -12.29 -23.44 -1.74
N ASP C 146 -11.23 -22.97 -2.40
CA ASP C 146 -9.90 -23.19 -1.90
C ASP C 146 -9.50 -22.19 -0.82
N THR C 147 -10.19 -21.05 -0.74
CA THR C 147 -9.82 -19.94 0.13
C THR C 147 -10.70 -19.80 1.35
N VAL C 148 -12.00 -19.93 1.19
CA VAL C 148 -12.94 -19.65 2.28
C VAL C 148 -13.02 -20.87 3.19
N ARG C 149 -12.83 -20.64 4.49
CA ARG C 149 -12.97 -21.68 5.51
C ARG C 149 -14.25 -21.56 6.33
N THR C 150 -14.93 -20.42 6.28
CA THR C 150 -16.21 -20.22 6.92
C THR C 150 -17.36 -20.59 5.98
N ASN C 151 -18.59 -20.49 6.50
CA ASN C 151 -19.78 -20.97 5.81
C ASN C 151 -20.26 -19.93 4.80
N VAL C 152 -20.13 -20.21 3.52
CA VAL C 152 -20.51 -19.28 2.46
C VAL C 152 -21.66 -19.91 1.67
N TYR C 153 -22.77 -19.19 1.57
CA TYR C 153 -23.94 -19.62 0.80
C TYR C 153 -23.96 -18.80 -0.49
N LEU C 154 -23.70 -19.47 -1.62
CA LEU C 154 -23.54 -18.81 -2.91
C LEU C 154 -24.87 -18.80 -3.67
N ALA C 155 -25.29 -17.62 -4.12
CA ALA C 155 -26.50 -17.44 -4.93
C ALA C 155 -26.12 -17.23 -6.39
N VAL C 156 -26.52 -18.17 -7.24
CA VAL C 156 -26.28 -18.13 -8.69
C VAL C 156 -27.63 -18.09 -9.41
N PHE C 157 -28.00 -16.93 -9.93
CA PHE C 157 -29.39 -16.81 -10.36
C PHE C 157 -29.63 -17.51 -11.69
N ASP C 158 -28.60 -17.64 -12.53
CA ASP C 158 -28.78 -18.23 -13.84
C ASP C 158 -28.67 -19.76 -13.80
N LYS C 159 -29.73 -20.45 -14.21
CA LYS C 159 -29.83 -21.91 -14.13
C LYS C 159 -28.81 -22.60 -15.04
N ASN C 160 -28.54 -22.04 -16.22
CA ASN C 160 -27.56 -22.66 -17.11
C ASN C 160 -26.15 -22.57 -16.53
N LEU C 161 -25.80 -21.44 -15.94
CA LEU C 161 -24.50 -21.31 -15.27
C LEU C 161 -24.39 -22.24 -14.06
N TYR C 162 -25.47 -22.33 -13.28
CA TYR C 162 -25.48 -23.19 -12.11
C TYR C 162 -25.14 -24.61 -12.52
N ASP C 163 -25.82 -25.11 -13.56
CA ASP C 163 -25.56 -26.47 -14.00
C ASP C 163 -24.12 -26.62 -14.47
N LYS C 164 -23.59 -25.63 -15.17
CA LYS C 164 -22.20 -25.67 -15.60
C LYS C 164 -21.24 -25.67 -14.40
N LEU C 165 -21.55 -24.87 -13.37
CA LEU C 165 -20.68 -24.78 -12.20
C LEU C 165 -20.66 -26.11 -11.44
N VAL C 166 -21.83 -26.72 -11.25
CA VAL C 166 -21.88 -28.00 -10.55
C VAL C 166 -21.12 -29.06 -11.33
N SER C 167 -21.35 -29.13 -12.64
CA SER C 167 -20.68 -30.14 -13.45
C SER C 167 -19.17 -29.97 -13.43
N SER C 168 -18.71 -28.72 -13.50
CA SER C 168 -17.27 -28.46 -13.49
C SER C 168 -16.66 -28.67 -12.10
N PHE C 169 -17.43 -28.43 -11.04
CA PHE C 169 -16.89 -28.65 -9.69
C PHE C 169 -16.55 -30.12 -9.51
N LEU C 170 -17.43 -31.00 -9.97
CA LEU C 170 -17.21 -32.44 -9.83
C LEU C 170 -15.92 -32.83 -10.55
N GLU C 171 -15.70 -32.27 -11.74
CA GLU C 171 -14.49 -32.60 -12.47
C GLU C 171 -13.26 -32.14 -11.71
N MET C 172 -13.30 -30.95 -11.13
CA MET C 172 -12.13 -30.48 -10.39
C MET C 172 -11.89 -31.35 -9.15
N LYS C 173 -12.94 -31.80 -8.46
CA LYS C 173 -12.75 -32.57 -7.22
C LYS C 173 -12.21 -33.99 -7.53
N SER C 174 -12.75 -34.65 -8.56
CA SER C 174 -12.30 -36.00 -8.89
C SER C 174 -10.98 -36.04 -9.62
N GLU C 175 -10.55 -34.94 -10.25
CA GLU C 175 -9.29 -34.94 -10.97
C GLU C 175 -8.11 -34.52 -10.12
N LYS C 176 -8.36 -34.03 -8.91
CA LYS C 176 -7.29 -33.56 -8.00
C LYS C 176 -6.59 -34.73 -7.34
N VAL D 4 9.79 -16.94 19.91
CA VAL D 4 8.52 -17.38 20.47
C VAL D 4 7.72 -16.19 21.00
N ASN D 5 6.39 -16.37 21.06
CA ASN D 5 5.46 -15.39 21.63
C ASN D 5 5.60 -14.01 20.96
N SER D 6 5.74 -13.99 19.62
CA SER D 6 5.86 -12.72 18.86
C SER D 6 4.50 -12.25 18.33
N PHE D 7 3.63 -11.82 19.26
CA PHE D 7 2.31 -11.30 18.93
C PHE D 7 2.37 -9.91 18.35
N SER D 8 1.52 -9.68 17.34
CA SER D 8 1.44 -8.38 16.69
C SER D 8 0.00 -8.05 16.33
N GLY D 9 -0.30 -6.73 16.33
CA GLY D 9 -1.58 -6.19 15.93
C GLY D 9 -2.72 -6.34 16.90
N TYR D 10 -2.45 -6.53 18.19
CA TYR D 10 -3.48 -6.61 19.20
C TYR D 10 -3.84 -5.24 19.77
N LEU D 11 -5.09 -5.12 20.21
CA LEU D 11 -5.58 -3.97 20.93
C LEU D 11 -5.52 -4.27 22.42
N LYS D 12 -4.88 -3.40 23.18
CA LYS D 12 -4.73 -3.59 24.62
C LYS D 12 -6.00 -3.12 25.30
N LEU D 13 -6.69 -4.04 25.99
CA LEU D 13 -7.92 -3.72 26.70
C LEU D 13 -7.60 -3.33 28.15
N THR D 14 -6.73 -4.09 28.79
CA THR D 14 -6.21 -3.81 30.13
C THR D 14 -4.69 -4.07 30.09
N ASP D 15 -4.03 -4.02 31.24
CA ASP D 15 -2.58 -4.27 31.28
C ASP D 15 -2.21 -5.71 30.93
N ASN D 16 -3.15 -6.63 31.01
CA ASN D 16 -2.85 -8.02 30.75
C ASN D 16 -3.81 -8.72 29.80
N VAL D 17 -4.81 -8.04 29.26
CA VAL D 17 -5.74 -8.65 28.32
C VAL D 17 -5.64 -7.89 27.00
N TYR D 18 -5.40 -8.62 25.91
CA TYR D 18 -5.25 -8.09 24.57
C TYR D 18 -6.23 -8.83 23.67
N ILE D 19 -6.65 -8.19 22.58
CA ILE D 19 -7.62 -8.82 21.71
C ILE D 19 -7.29 -8.50 20.25
N LYS D 20 -7.56 -9.46 19.38
CA LYS D 20 -7.28 -9.29 17.96
C LYS D 20 -8.34 -10.04 17.16
N ASN D 21 -8.74 -9.45 16.04
CA ASN D 21 -9.67 -10.07 15.08
C ASN D 21 -8.82 -10.97 14.19
N ALA D 22 -8.71 -12.23 14.59
CA ALA D 22 -7.84 -13.18 13.89
C ALA D 22 -8.29 -14.59 14.18
N ASP D 23 -7.92 -15.51 13.31
CA ASP D 23 -8.15 -16.92 13.58
C ASP D 23 -7.08 -17.47 14.54
N ILE D 24 -7.51 -18.24 15.55
CA ILE D 24 -6.56 -18.68 16.56
C ILE D 24 -5.53 -19.65 15.98
N VAL D 25 -5.92 -20.47 14.99
CA VAL D 25 -4.95 -21.38 14.39
C VAL D 25 -3.93 -20.57 13.60
N GLU D 26 -4.37 -19.57 12.84
CA GLU D 26 -3.41 -18.75 12.10
C GLU D 26 -2.49 -17.99 13.06
N GLU D 27 -3.04 -17.48 14.17
CA GLU D 27 -2.16 -16.82 15.15
C GLU D 27 -1.10 -17.81 15.66
N ALA D 28 -1.53 -19.02 16.04
CA ALA D 28 -0.56 -20.01 16.54
C ALA D 28 0.53 -20.32 15.52
N LYS D 29 0.16 -20.48 14.25
CA LYS D 29 1.17 -20.77 13.24
C LYS D 29 2.15 -19.63 13.07
N LYS D 30 1.70 -18.39 13.22
CA LYS D 30 2.63 -17.28 13.07
C LYS D 30 3.48 -17.06 14.32
N VAL D 31 2.89 -17.21 15.50
CA VAL D 31 3.58 -16.78 16.72
C VAL D 31 4.43 -17.89 17.33
N LYS D 32 4.06 -19.15 17.13
CA LYS D 32 4.67 -20.29 17.81
C LYS D 32 4.67 -20.03 19.32
N PRO D 33 3.49 -19.94 19.93
CA PRO D 33 3.41 -19.56 21.34
C PRO D 33 3.77 -20.70 22.29
N THR D 34 4.05 -20.31 23.54
CA THR D 34 4.30 -21.28 24.60
C THR D 34 3.03 -22.04 24.97
N VAL D 35 1.90 -21.33 25.09
CA VAL D 35 0.63 -21.94 25.44
C VAL D 35 -0.47 -21.41 24.50
N VAL D 36 -1.23 -22.32 23.88
CA VAL D 36 -2.50 -21.98 23.25
C VAL D 36 -3.59 -22.62 24.08
N VAL D 37 -4.69 -21.91 24.23
CA VAL D 37 -5.82 -22.40 25.01
C VAL D 37 -6.83 -23.00 24.07
N ASN D 38 -7.28 -24.22 24.38
CA ASN D 38 -8.40 -24.83 23.69
C ASN D 38 -9.67 -24.72 24.54
N ALA D 39 -10.80 -24.40 23.89
CA ALA D 39 -12.10 -24.40 24.56
C ALA D 39 -12.71 -25.79 24.39
N ALA D 40 -12.62 -26.57 25.45
CA ALA D 40 -12.73 -28.02 25.39
C ALA D 40 -14.00 -28.45 26.10
N ASN D 41 -14.33 -29.73 25.92
CA ASN D 41 -15.29 -30.37 26.80
C ASN D 41 -14.56 -31.34 27.71
N VAL D 42 -15.31 -31.87 28.69
CA VAL D 42 -14.76 -32.78 29.74
C VAL D 42 -14.10 -34.03 29.15
N TYR D 43 -14.57 -34.48 27.98
CA TYR D 43 -14.00 -35.72 27.39
C TYR D 43 -12.93 -35.39 26.33
N LEU D 44 -12.56 -34.11 26.19
CA LEU D 44 -11.56 -33.71 25.19
C LEU D 44 -11.94 -34.27 23.82
N LYS D 45 -13.23 -34.32 23.55
CA LYS D 45 -13.72 -34.74 22.23
C LYS D 45 -13.86 -33.49 21.35
N HIS D 46 -12.88 -33.27 20.48
CA HIS D 46 -12.77 -32.02 19.70
C HIS D 46 -13.65 -31.90 18.45
N GLY D 47 -14.95 -31.83 18.64
CA GLY D 47 -15.88 -31.67 17.52
C GLY D 47 -16.28 -30.23 17.23
N GLY D 48 -15.59 -29.55 16.35
CA GLY D 48 -16.06 -28.21 16.04
C GLY D 48 -15.42 -27.09 16.83
N GLY D 49 -15.69 -25.88 16.36
CA GLY D 49 -15.16 -24.66 16.97
C GLY D 49 -13.67 -24.63 17.02
N VAL D 50 -13.17 -23.96 18.03
CA VAL D 50 -11.72 -23.89 18.23
C VAL D 50 -11.13 -25.29 18.36
N ALA D 51 -11.79 -26.15 19.12
CA ALA D 51 -11.23 -27.48 19.36
C ALA D 51 -11.06 -28.26 18.05
N GLY D 52 -12.08 -28.23 17.17
CA GLY D 52 -11.94 -28.91 15.88
C GLY D 52 -10.89 -28.27 14.99
N ALA D 53 -10.83 -26.93 14.99
CA ALA D 53 -9.83 -26.19 14.22
C ALA D 53 -8.41 -26.53 14.67
N LEU D 54 -8.13 -26.46 15.99
CA LEU D 54 -6.78 -26.79 16.46
C LEU D 54 -6.46 -28.25 16.14
N ASN D 55 -7.42 -29.14 16.35
CA ASN D 55 -7.15 -30.56 16.12
C ASN D 55 -6.88 -30.81 14.65
N LYS D 56 -7.71 -30.24 13.77
CA LYS D 56 -7.46 -30.42 12.34
C LYS D 56 -6.06 -29.96 11.94
N ALA D 57 -5.58 -28.84 12.51
CA ALA D 57 -4.24 -28.35 12.19
C ALA D 57 -3.12 -29.26 12.70
N THR D 58 -3.39 -30.08 13.71
CA THR D 58 -2.40 -31.05 14.16
C THR D 58 -2.55 -32.38 13.47
N ASN D 59 -3.38 -32.45 12.42
CA ASN D 59 -3.61 -33.68 11.66
C ASN D 59 -4.13 -34.80 12.56
N ASN D 60 -4.99 -34.44 13.52
CA ASN D 60 -5.69 -35.34 14.44
C ASN D 60 -4.80 -35.85 15.60
N ALA D 61 -3.54 -35.42 15.70
CA ALA D 61 -2.67 -35.82 16.82
C ALA D 61 -3.24 -35.39 18.17
N MET D 62 -3.83 -34.21 18.24
CA MET D 62 -4.42 -33.71 19.49
C MET D 62 -5.50 -34.63 19.99
N GLN D 63 -6.37 -35.12 19.08
CA GLN D 63 -7.46 -36.02 19.47
C GLN D 63 -6.94 -37.36 19.97
N VAL D 64 -5.89 -37.90 19.32
CA VAL D 64 -5.33 -39.18 19.76
C VAL D 64 -4.73 -39.03 21.16
N GLU D 65 -3.96 -37.95 21.37
CA GLU D 65 -3.37 -37.64 22.67
C GLU D 65 -4.43 -37.46 23.74
N SER D 66 -5.50 -36.76 23.40
CA SER D 66 -6.58 -36.54 24.36
C SER D 66 -7.25 -37.85 24.75
N ASP D 67 -7.51 -38.72 23.75
CA ASP D 67 -8.06 -40.04 24.01
C ASP D 67 -7.15 -40.81 24.94
N ASP D 68 -5.84 -40.74 24.71
CA ASP D 68 -4.93 -41.40 25.63
C ASP D 68 -4.99 -40.78 27.02
N TYR D 69 -5.03 -39.43 27.11
CA TYR D 69 -5.17 -38.77 28.41
C TYR D 69 -6.43 -39.21 29.15
N ILE D 70 -7.58 -39.20 28.47
CA ILE D 70 -8.85 -39.55 29.12
C ILE D 70 -8.86 -41.01 29.60
N ALA D 71 -8.31 -41.92 28.79
CA ALA D 71 -8.29 -43.34 29.16
C ALA D 71 -7.54 -43.59 30.47
N THR D 72 -6.45 -42.84 30.69
CA THR D 72 -5.62 -43.01 31.88
C THR D 72 -6.20 -42.27 33.09
N ASN D 73 -6.80 -41.11 32.85
CA ASN D 73 -7.09 -40.17 33.92
C ASN D 73 -8.56 -39.90 34.14
N GLY D 74 -9.42 -40.24 33.19
CA GLY D 74 -10.83 -39.93 33.26
C GLY D 74 -11.10 -38.51 32.82
N PRO D 75 -12.38 -38.16 32.67
CA PRO D 75 -12.74 -36.83 32.16
C PRO D 75 -12.32 -35.70 33.09
N LEU D 76 -12.21 -34.51 32.51
CA LEU D 76 -12.02 -33.32 33.32
C LEU D 76 -13.30 -32.95 34.06
N LYS D 77 -13.18 -32.03 35.02
CA LYS D 77 -14.36 -31.42 35.61
C LYS D 77 -14.63 -30.10 34.91
N VAL D 78 -15.90 -29.69 34.92
CA VAL D 78 -16.25 -28.38 34.36
C VAL D 78 -15.55 -27.29 35.17
N GLY D 79 -14.95 -26.32 34.48
CA GLY D 79 -14.13 -25.35 35.16
C GLY D 79 -12.68 -25.77 35.30
N GLY D 80 -12.37 -27.02 34.93
CA GLY D 80 -11.04 -27.58 35.08
C GLY D 80 -10.24 -27.45 33.79
N SER D 81 -9.02 -27.97 33.84
CA SER D 81 -8.08 -27.82 32.73
C SER D 81 -7.08 -28.96 32.78
N CYS D 82 -6.37 -29.17 31.66
CA CYS D 82 -5.18 -30.02 31.69
C CYS D 82 -4.22 -29.50 30.65
N VAL D 83 -2.93 -29.71 30.89
CA VAL D 83 -1.87 -29.31 29.96
C VAL D 83 -1.43 -30.51 29.13
N LEU D 84 -1.55 -30.41 27.81
CA LEU D 84 -1.04 -31.44 26.92
C LEU D 84 -0.10 -30.81 25.90
N SER D 85 0.32 -31.58 24.91
CA SER D 85 1.23 -31.06 23.90
C SER D 85 0.54 -30.03 23.01
N GLY D 86 1.32 -29.01 22.60
CA GLY D 86 0.87 -28.13 21.54
C GLY D 86 1.18 -28.60 20.14
N HIS D 87 1.82 -29.75 19.98
CA HIS D 87 2.07 -30.36 18.68
C HIS D 87 2.81 -29.38 17.78
N ASN D 88 2.36 -29.17 16.54
CA ASN D 88 3.02 -28.28 15.59
C ASN D 88 2.65 -26.80 15.76
N LEU D 89 1.72 -26.47 16.66
CA LEU D 89 1.18 -25.13 16.82
C LEU D 89 1.77 -24.36 17.99
N ALA D 90 2.19 -25.06 19.04
CA ALA D 90 2.64 -24.42 20.27
C ALA D 90 3.43 -25.44 21.06
N LYS D 91 4.14 -24.96 22.08
CA LYS D 91 4.79 -25.89 22.99
C LYS D 91 3.75 -26.68 23.76
N HIS D 92 2.74 -26.01 24.33
CA HIS D 92 1.72 -26.66 25.13
C HIS D 92 0.34 -26.24 24.65
N CYS D 93 -0.65 -27.11 24.87
CA CYS D 93 -2.05 -26.76 24.71
C CYS D 93 -2.73 -26.92 26.05
N LEU D 94 -3.31 -25.83 26.55
CA LEU D 94 -4.10 -25.86 27.78
C LEU D 94 -5.55 -26.10 27.40
N HIS D 95 -6.02 -27.30 27.68
CA HIS D 95 -7.42 -27.62 27.43
C HIS D 95 -8.25 -27.14 28.60
N VAL D 96 -9.16 -26.19 28.36
CA VAL D 96 -9.98 -25.64 29.44
C VAL D 96 -11.46 -25.90 29.16
N VAL D 97 -12.20 -26.29 30.19
CA VAL D 97 -13.63 -26.56 30.04
C VAL D 97 -14.40 -25.41 30.68
N GLY D 98 -14.96 -24.52 29.85
CA GLY D 98 -15.89 -23.52 30.32
C GLY D 98 -17.22 -24.21 30.49
N PRO D 99 -18.15 -23.61 31.23
CA PRO D 99 -19.48 -24.21 31.34
C PRO D 99 -20.24 -24.21 30.01
N ASN D 100 -20.97 -25.30 29.75
CA ASN D 100 -21.91 -25.47 28.63
C ASN D 100 -23.27 -24.99 29.10
N VAL D 101 -23.55 -23.70 28.86
CA VAL D 101 -24.80 -23.10 29.30
C VAL D 101 -26.00 -23.73 28.61
N ASN D 102 -25.79 -24.27 27.40
CA ASN D 102 -26.87 -24.93 26.69
C ASN D 102 -27.33 -26.18 27.43
N LYS D 103 -26.46 -26.80 28.23
CA LYS D 103 -26.86 -27.93 29.05
C LYS D 103 -27.23 -27.50 30.47
N GLY D 104 -27.41 -26.21 30.72
CA GLY D 104 -27.80 -25.73 32.04
C GLY D 104 -26.70 -25.76 33.07
N GLU D 105 -25.44 -25.86 32.65
CA GLU D 105 -24.33 -25.79 33.60
C GLU D 105 -24.17 -24.36 34.12
N ASP D 106 -23.53 -24.25 35.30
CA ASP D 106 -23.48 -23.01 36.06
C ASP D 106 -22.55 -22.01 35.35
N ILE D 107 -23.11 -20.87 34.93
CA ILE D 107 -22.29 -19.85 34.29
C ILE D 107 -21.16 -19.38 35.21
N GLN D 108 -21.32 -19.51 36.53
CA GLN D 108 -20.24 -19.10 37.44
C GLN D 108 -18.98 -19.95 37.27
N LEU D 109 -19.10 -21.13 36.68
CA LEU D 109 -17.91 -21.93 36.44
C LEU D 109 -17.01 -21.31 35.38
N LEU D 110 -17.50 -20.29 34.67
CA LEU D 110 -16.62 -19.54 33.78
C LEU D 110 -15.52 -18.85 34.54
N LYS D 111 -15.81 -18.43 35.78
CA LYS D 111 -14.77 -17.89 36.64
C LYS D 111 -13.70 -18.95 36.92
N SER D 112 -14.14 -20.16 37.31
CA SER D 112 -13.18 -21.24 37.54
CA SER D 112 -13.19 -21.26 37.53
C SER D 112 -12.40 -21.58 36.28
N ALA D 113 -13.03 -21.45 35.10
CA ALA D 113 -12.32 -21.80 33.87
C ALA D 113 -11.19 -20.82 33.58
N TYR D 114 -11.49 -19.52 33.59
CA TYR D 114 -10.44 -18.54 33.32
C TYR D 114 -9.37 -18.50 34.42
N GLU D 115 -9.71 -18.84 35.67
CA GLU D 115 -8.67 -18.93 36.71
C GLU D 115 -7.49 -19.80 36.28
N ASN D 116 -7.75 -20.86 35.48
CA ASN D 116 -6.65 -21.74 35.03
C ASN D 116 -5.61 -20.97 34.25
N PHE D 117 -5.99 -19.84 33.63
CA PHE D 117 -5.05 -19.01 32.87
C PHE D 117 -3.95 -18.44 33.74
N ASN D 118 -4.21 -18.34 35.05
CA ASN D 118 -3.29 -17.65 35.93
C ASN D 118 -2.06 -18.49 36.26
N GLN D 119 -1.99 -19.74 35.77
CA GLN D 119 -0.82 -20.60 35.89
C GLN D 119 0.15 -20.52 34.72
N HIS D 120 -0.04 -19.55 33.83
CA HIS D 120 0.77 -19.41 32.62
C HIS D 120 1.09 -17.95 32.34
N GLU D 121 2.37 -17.69 32.07
CA GLU D 121 2.80 -16.32 31.89
C GLU D 121 2.08 -15.65 30.74
N VAL D 122 1.93 -16.39 29.63
CA VAL D 122 1.33 -15.86 28.41
C VAL D 122 0.52 -16.93 27.70
N LEU D 123 -0.64 -16.55 27.20
CA LEU D 123 -1.47 -17.52 26.52
C LEU D 123 -2.12 -16.86 25.33
N LEU D 124 -2.22 -17.64 24.24
CA LEU D 124 -3.13 -17.35 23.15
C LEU D 124 -4.42 -18.12 23.40
N ALA D 125 -5.55 -17.41 23.40
CA ALA D 125 -6.78 -18.04 23.90
C ALA D 125 -7.99 -17.56 23.11
N PRO D 126 -9.06 -18.36 23.04
CA PRO D 126 -10.35 -17.88 22.54
C PRO D 126 -11.26 -17.45 23.70
N LEU D 127 -12.46 -16.97 23.39
CA LEU D 127 -13.45 -16.66 24.41
C LEU D 127 -14.16 -17.95 24.82
N LEU D 128 -13.91 -18.41 26.04
CA LEU D 128 -14.41 -19.70 26.50
C LEU D 128 -15.92 -19.63 26.59
N SER D 129 -16.61 -20.74 26.24
CA SER D 129 -18.06 -20.92 26.33
C SER D 129 -18.84 -19.89 25.52
N ALA D 130 -18.21 -19.18 24.57
CA ALA D 130 -18.98 -18.18 23.84
C ALA D 130 -19.52 -18.68 22.51
N GLY D 131 -19.21 -19.91 22.12
CA GLY D 131 -19.71 -20.42 20.87
C GLY D 131 -20.69 -21.55 21.06
N ILE D 132 -20.18 -22.76 20.91
CA ILE D 132 -21.03 -23.94 20.99
C ILE D 132 -21.65 -24.07 22.39
N PHE D 133 -20.96 -23.58 23.43
CA PHE D 133 -21.45 -23.69 24.79
C PHE D 133 -22.44 -22.61 25.18
N GLY D 134 -22.68 -21.62 24.32
CA GLY D 134 -23.86 -20.77 24.45
C GLY D 134 -23.77 -19.65 25.47
N ALA D 135 -22.59 -19.30 25.96
CA ALA D 135 -22.49 -18.13 26.81
C ALA D 135 -22.48 -16.85 26.00
N ASP D 136 -22.96 -15.78 26.63
CA ASP D 136 -22.89 -14.48 25.98
C ASP D 136 -21.42 -14.13 25.80
N PRO D 137 -20.96 -13.87 24.59
CA PRO D 137 -19.52 -13.56 24.40
C PRO D 137 -19.03 -12.39 25.22
N ILE D 138 -19.89 -11.37 25.39
CA ILE D 138 -19.53 -10.17 26.15
C ILE D 138 -19.29 -10.53 27.59
N HIS D 139 -20.14 -11.39 28.15
CA HIS D 139 -19.93 -11.87 29.50
C HIS D 139 -18.65 -12.68 29.59
N SER D 140 -18.35 -13.48 28.58
CA SER D 140 -17.12 -14.25 28.61
C SER D 140 -15.93 -13.29 28.61
N LEU D 141 -16.02 -12.20 27.86
CA LEU D 141 -14.95 -11.20 27.86
C LEU D 141 -14.83 -10.51 29.22
N ARG D 142 -15.95 -10.31 29.91
CA ARG D 142 -15.90 -9.62 31.18
C ARG D 142 -15.28 -10.50 32.25
N VAL D 143 -15.74 -11.76 32.35
CA VAL D 143 -15.13 -12.70 33.29
C VAL D 143 -13.65 -12.84 33.03
N CYS D 144 -13.24 -12.91 31.76
CA CYS D 144 -11.81 -12.96 31.43
C CYS D 144 -11.06 -11.78 32.04
N VAL D 145 -11.58 -10.56 31.80
CA VAL D 145 -10.92 -9.34 32.22
C VAL D 145 -10.83 -9.26 33.75
N ASP D 146 -11.85 -9.78 34.44
CA ASP D 146 -11.91 -9.69 35.90
C ASP D 146 -11.10 -10.78 36.60
N THR D 147 -10.79 -11.86 35.89
CA THR D 147 -10.17 -13.06 36.44
C THR D 147 -8.69 -13.23 36.11
N VAL D 148 -8.31 -13.00 34.86
CA VAL D 148 -6.95 -13.29 34.43
C VAL D 148 -6.03 -12.15 34.84
N ARG D 149 -4.94 -12.48 35.52
CA ARG D 149 -3.90 -11.52 35.89
C ARG D 149 -2.66 -11.65 35.03
N THR D 150 -2.52 -12.76 34.30
CA THR D 150 -1.41 -12.95 33.39
C THR D 150 -1.77 -12.43 31.99
N ASN D 151 -0.81 -12.52 31.07
CA ASN D 151 -0.91 -11.90 29.76
C ASN D 151 -1.72 -12.81 28.84
N VAL D 152 -2.92 -12.39 28.46
CA VAL D 152 -3.77 -13.19 27.61
C VAL D 152 -4.02 -12.44 26.29
N TYR D 153 -3.69 -13.10 25.17
CA TYR D 153 -3.91 -12.57 23.83
C TYR D 153 -5.11 -13.33 23.26
N LEU D 154 -6.24 -12.64 23.11
CA LEU D 154 -7.50 -13.24 22.70
C LEU D 154 -7.67 -13.11 21.19
N ALA D 155 -7.93 -14.25 20.52
CA ALA D 155 -8.21 -14.30 19.08
C ALA D 155 -9.71 -14.47 18.84
N VAL D 156 -10.32 -13.46 18.19
CA VAL D 156 -11.76 -13.41 17.85
C VAL D 156 -11.86 -13.36 16.32
N PHE D 157 -12.25 -14.49 15.69
CA PHE D 157 -12.09 -14.57 14.24
C PHE D 157 -13.16 -13.80 13.49
N ASP D 158 -14.35 -13.62 14.08
CA ASP D 158 -15.46 -12.94 13.42
C ASP D 158 -15.36 -11.42 13.60
N LYS D 159 -15.30 -10.68 12.49
CA LYS D 159 -15.08 -9.23 12.55
C LYS D 159 -16.25 -8.50 13.21
N ASN D 160 -17.47 -8.94 12.96
CA ASN D 160 -18.61 -8.28 13.57
C ASN D 160 -18.63 -8.48 15.08
N LEU D 161 -18.30 -9.69 15.55
CA LEU D 161 -18.24 -9.93 16.97
C LEU D 161 -17.14 -9.13 17.65
N TYR D 162 -15.97 -9.02 17.00
CA TYR D 162 -14.87 -8.23 17.54
C TYR D 162 -15.32 -6.80 17.78
N ASP D 163 -15.94 -6.21 16.79
CA ASP D 163 -16.40 -4.83 16.90
C ASP D 163 -17.44 -4.72 18.03
N LYS D 164 -18.32 -5.72 18.15
CA LYS D 164 -19.30 -5.70 19.23
C LYS D 164 -18.61 -5.82 20.60
N LEU D 165 -17.57 -6.65 20.71
CA LEU D 165 -16.88 -6.84 21.98
C LEU D 165 -16.16 -5.56 22.42
N VAL D 166 -15.44 -4.91 21.50
CA VAL D 166 -14.73 -3.69 21.84
C VAL D 166 -15.70 -2.63 22.29
N SER D 167 -16.79 -2.49 21.54
CA SER D 167 -17.79 -1.47 21.86
C SER D 167 -18.40 -1.72 23.23
N SER D 168 -18.72 -2.98 23.55
CA SER D 168 -19.33 -3.31 24.84
C SER D 168 -18.32 -3.21 25.98
N PHE D 169 -17.04 -3.53 25.72
CA PHE D 169 -16.03 -3.40 26.76
C PHE D 169 -15.91 -1.94 27.21
N LEU D 170 -15.92 -0.99 26.25
CA LEU D 170 -15.81 0.43 26.60
C LEU D 170 -16.95 0.84 27.51
N GLU D 171 -18.15 0.36 27.24
CA GLU D 171 -19.27 0.66 28.10
C GLU D 171 -19.03 0.11 29.49
N MET D 172 -18.48 -1.10 29.58
CA MET D 172 -18.22 -1.69 30.89
C MET D 172 -17.17 -0.89 31.66
N LYS D 173 -16.14 -0.37 30.97
CA LYS D 173 -15.07 0.33 31.66
C LYS D 173 -15.54 1.68 32.19
N SER D 174 -16.33 2.40 31.41
CA SER D 174 -16.80 3.71 31.87
C SER D 174 -17.91 3.56 32.89
N GLU D 175 -18.54 2.38 32.94
CA GLU D 175 -19.64 2.05 33.86
C GLU D 175 -20.89 2.81 33.47
#